data_7BSD
#
_entry.id   7BSD
#
_cell.length_a   108.889
_cell.length_b   111.141
_cell.length_c   158.587
_cell.angle_alpha   90.000
_cell.angle_beta   90.000
_cell.angle_gamma   90.000
#
_symmetry.space_group_name_H-M   'P 21 21 21'
#
loop_
_entity.id
_entity.type
_entity.pdbx_description
1 polymer '1G5.3 Fab Heavy Chain'
2 polymer '1G5.3 Fab Light Chain'
3 polymer NS1C
4 water water
#
loop_
_entity_poly.entity_id
_entity_poly.type
_entity_poly.pdbx_seq_one_letter_code
_entity_poly.pdbx_strand_id
1 'polypeptide(L)'
;EVKLQESGPGLVRPSQSLSLTCSVTGYSITSGYYWNWIRQFPGNKLEWMGYISYDGRSNYNPSLKNRISITRDTSKNQFF
LKLNFVTTEDTATYYCASFYYYTSRPLVYWGQGTLLTVSSASTKGPSVFPLAPSSKSTSGGTAALGCLVKDYFPEPVTVS
WNSGALTSGVHTFPAVLQSSGLYSLSSVVTVPSSSLGTQTYICNVNHKPSNTKVDKKVEPKSC
;
A,H
2 'polypeptide(L)'
;EIVLTQSPASLAVSLGQRATISCRASESVEYSGTSLMHWYQQKPGQPPKLLIYAASNVESGVPARFSGSGSGTDFSLNIH
PVEEDDIAMYFCQQSRKVPYTFGGGTKLELKRTVAAPSVFIFPPSDEQLKSGTASVVCLLNNFYPREAKVQWKVDNALQS
GNSQESVTEQDSKDSTYSLSSTLTLSKADYEKHKVYACEVTHQGLSSPVTKSFNRGEC
;
B,L
3 'polypeptide(L)'
;REDYSLECDPAVIGTAVKGKEAVHSDLGYWIESEKNDTWRLKRAHLIEMKTCEWPKSHTLWTDGIEESDLIIPKSLAGPL
SHHNTREGYRTQMKGPWHSEELEIRFEECPGTKVHVEETCGTRGPSLRSTTASGRVIEEWCCRECTMPPLSFRAKDGCWY
GMEIRPRKEPESNLVRSMVTA
;
G,I
#
# COMPACT_ATOMS: atom_id res chain seq x y z
N GLU A 1 7.56 15.92 22.76
CA GLU A 1 7.87 16.48 21.45
C GLU A 1 9.34 16.88 21.37
N VAL A 2 10.00 16.55 20.27
CA VAL A 2 11.43 16.78 20.12
C VAL A 2 11.66 18.24 19.73
N LYS A 3 12.37 18.98 20.58
CA LYS A 3 12.63 20.39 20.33
C LYS A 3 14.08 20.72 20.69
N LEU A 4 14.70 21.55 19.85
CA LEU A 4 16.04 22.07 20.05
C LEU A 4 15.95 23.58 20.12
N GLN A 5 16.61 24.19 21.12
CA GLN A 5 16.50 25.63 21.34
C GLN A 5 17.87 26.21 21.67
N GLU A 6 18.32 27.17 20.86
CA GLU A 6 19.56 27.87 21.11
C GLU A 6 19.33 29.03 22.09
N SER A 7 20.41 29.43 22.75
CA SER A 7 20.43 30.61 23.61
C SER A 7 21.86 31.08 23.75
N GLY A 8 22.05 32.39 23.81
CA GLY A 8 23.38 32.96 23.87
C GLY A 8 23.41 34.43 24.20
N PRO A 9 24.60 35.03 24.11
CA PRO A 9 24.77 36.42 24.53
C PRO A 9 24.32 37.45 23.50
N GLY A 10 24.42 37.11 22.21
CA GLY A 10 24.02 38.03 21.17
C GLY A 10 25.15 38.91 20.68
N LEU A 11 25.78 39.66 21.57
CA LEU A 11 26.91 40.52 21.23
C LEU A 11 28.11 40.11 22.06
N VAL A 12 29.25 39.95 21.39
CA VAL A 12 30.50 39.58 22.05
C VAL A 12 31.63 40.39 21.42
N ARG A 13 32.52 40.92 22.24
CA ARG A 13 33.60 41.71 21.70
C ARG A 13 34.67 40.83 21.08
N PRO A 14 35.44 41.35 20.12
CA PRO A 14 36.46 40.53 19.46
C PRO A 14 37.48 40.00 20.44
N SER A 15 38.06 38.85 20.10
CA SER A 15 39.07 38.13 20.88
C SER A 15 38.53 37.58 22.19
N GLN A 16 37.26 37.80 22.52
CA GLN A 16 36.66 37.23 23.71
C GLN A 16 36.20 35.80 23.44
N SER A 17 35.68 35.14 24.46
CA SER A 17 35.23 33.76 24.36
C SER A 17 33.74 33.69 24.05
N LEU A 18 33.35 32.62 23.37
CA LEU A 18 31.95 32.40 23.00
C LEU A 18 31.49 31.04 23.49
N SER A 19 30.32 31.01 24.12
CA SER A 19 29.68 29.76 24.53
C SER A 19 28.19 29.89 24.25
N LEU A 20 27.67 29.01 23.41
CA LEU A 20 26.24 28.97 23.13
C LEU A 20 25.65 27.66 23.63
N THR A 21 24.42 27.73 24.14
CA THR A 21 23.70 26.58 24.65
C THR A 21 22.63 26.16 23.65
N CYS A 22 22.46 24.85 23.51
CA CYS A 22 21.30 24.28 22.84
C CYS A 22 20.62 23.32 23.82
N SER A 23 19.42 23.69 24.28
CA SER A 23 18.65 22.84 25.18
C SER A 23 17.75 21.93 24.37
N VAL A 24 17.78 20.63 24.69
CA VAL A 24 17.04 19.61 23.95
C VAL A 24 15.87 19.16 24.81
N THR A 25 14.69 19.06 24.18
CA THR A 25 13.45 18.72 24.87
C THR A 25 12.83 17.50 24.22
N GLY A 26 12.25 16.62 25.04
CA GLY A 26 11.53 15.47 24.53
C GLY A 26 12.38 14.34 24.02
N TYR A 27 13.69 14.39 24.26
CA TYR A 27 14.59 13.31 23.87
C TYR A 27 15.89 13.47 24.64
N SER A 28 16.42 12.36 25.15
CA SER A 28 17.68 12.36 25.89
C SER A 28 18.86 12.43 24.92
N ILE A 29 19.82 13.30 25.22
CA ILE A 29 20.96 13.53 24.33
C ILE A 29 21.97 12.41 24.44
N THR A 30 21.70 11.42 25.30
CA THR A 30 22.55 10.26 25.46
C THR A 30 22.04 9.07 24.65
N SER A 31 21.22 9.34 23.63
CA SER A 31 20.68 8.27 22.81
C SER A 31 20.55 8.73 21.36
N GLY A 32 20.88 7.82 20.44
CA GLY A 32 20.44 7.92 19.08
C GLY A 32 21.08 8.98 18.21
N TYR A 33 21.19 10.21 18.69
CA TYR A 33 21.46 11.33 17.81
C TYR A 33 22.88 11.86 17.94
N TYR A 34 23.37 12.42 16.84
CA TYR A 34 24.55 13.27 16.82
C TYR A 34 24.08 14.72 16.86
N TRP A 35 24.65 15.51 17.75
CA TRP A 35 24.16 16.85 18.07
C TRP A 35 25.13 17.88 17.47
N ASN A 36 24.65 18.62 16.48
CA ASN A 36 25.50 19.41 15.60
C ASN A 36 25.34 20.90 15.83
N TRP A 37 26.35 21.65 15.38
CA TRP A 37 26.31 23.11 15.36
C TRP A 37 26.59 23.57 13.93
N ILE A 38 25.65 24.35 13.38
CA ILE A 38 25.79 24.93 12.05
C ILE A 38 25.56 26.43 12.17
N ARG A 39 26.40 27.22 11.48
CA ARG A 39 26.22 28.66 11.46
C ARG A 39 25.99 29.16 10.04
N GLN A 40 25.27 30.27 9.93
CA GLN A 40 24.93 30.88 8.65
C GLN A 40 25.44 32.31 8.65
N PHE A 41 26.47 32.57 7.85
CA PHE A 41 27.04 33.90 7.74
C PHE A 41 26.05 34.85 7.07
N PRO A 42 26.29 36.16 7.14
CA PRO A 42 25.61 37.08 6.23
C PRO A 42 26.00 36.75 4.79
N GLY A 43 25.02 36.70 3.92
CA GLY A 43 25.18 36.10 2.61
C GLY A 43 24.69 34.68 2.53
N ASN A 44 24.30 34.10 3.67
CA ASN A 44 23.53 32.85 3.81
C ASN A 44 24.34 31.58 3.57
N LYS A 45 25.66 31.66 3.44
CA LYS A 45 26.46 30.44 3.34
C LYS A 45 26.46 29.70 4.67
N LEU A 46 26.14 28.41 4.64
CA LEU A 46 26.07 27.57 5.82
C LEU A 46 27.38 26.82 5.99
N GLU A 47 27.90 26.80 7.23
CA GLU A 47 29.12 26.07 7.55
C GLU A 47 28.86 25.13 8.71
N TRP A 48 29.12 23.85 8.51
CA TRP A 48 29.01 22.85 9.56
C TRP A 48 30.24 22.92 10.45
N MET A 49 30.02 23.08 11.76
CA MET A 49 31.11 23.30 12.70
C MET A 49 31.57 22.01 13.38
N GLY A 50 30.64 21.16 13.79
CA GLY A 50 30.99 19.91 14.44
C GLY A 50 29.78 19.31 15.10
N TYR A 51 30.01 18.14 15.72
CA TYR A 51 28.98 17.47 16.49
C TYR A 51 29.57 16.86 17.75
N ILE A 52 28.67 16.40 18.63
CA ILE A 52 29.01 15.48 19.70
C ILE A 52 27.98 14.36 19.67
N SER A 53 28.44 13.12 19.77
CA SER A 53 27.56 11.98 19.64
C SER A 53 26.81 11.73 20.95
N TYR A 54 25.87 10.79 20.90
CA TYR A 54 25.21 10.33 22.11
C TYR A 54 26.18 9.65 23.06
N ASP A 55 27.27 9.07 22.53
CA ASP A 55 28.31 8.49 23.36
C ASP A 55 29.24 9.53 23.99
N GLY A 56 29.14 10.79 23.57
CA GLY A 56 30.12 11.77 24.01
C GLY A 56 31.38 11.83 23.18
N ARG A 57 31.34 11.37 21.93
CA ARG A 57 32.45 11.54 21.01
C ARG A 57 32.20 12.78 20.15
N SER A 58 33.26 13.54 19.92
CA SER A 58 33.15 14.80 19.18
C SER A 58 33.98 14.72 17.91
N ASN A 59 33.50 15.45 16.89
CA ASN A 59 34.22 15.63 15.63
C ASN A 59 34.04 17.08 15.22
N TYR A 60 35.11 17.69 14.71
CA TYR A 60 35.13 19.12 14.45
C TYR A 60 35.50 19.40 13.01
N ASN A 61 34.97 20.49 12.48
CA ASN A 61 35.39 21.02 11.19
C ASN A 61 36.86 21.42 11.28
N PRO A 62 37.73 20.88 10.42
CA PRO A 62 39.15 21.27 10.48
C PRO A 62 39.38 22.76 10.35
N SER A 63 38.44 23.51 9.76
CA SER A 63 38.56 24.96 9.69
C SER A 63 38.55 25.59 11.08
N LEU A 64 38.04 24.88 12.08
CA LEU A 64 37.90 25.41 13.43
C LEU A 64 38.70 24.62 14.46
N LYS A 65 39.53 23.66 14.05
CA LYS A 65 40.09 22.74 15.04
C LYS A 65 41.30 23.32 15.78
N ASN A 66 41.17 24.57 16.22
CA ASN A 66 42.12 25.20 17.12
C ASN A 66 41.43 26.00 18.21
N ARG A 67 40.12 26.21 18.12
CA ARG A 67 39.40 27.09 19.02
C ARG A 67 38.06 26.53 19.46
N ILE A 68 37.63 25.39 18.94
CA ILE A 68 36.26 24.91 19.13
C ILE A 68 36.25 23.74 20.08
N SER A 69 35.24 23.72 20.96
CA SER A 69 34.88 22.55 21.73
C SER A 69 33.36 22.42 21.67
N ILE A 70 32.88 21.19 21.69
CA ILE A 70 31.45 20.91 21.78
C ILE A 70 31.25 20.01 22.99
N THR A 71 30.77 20.60 24.07
CA THR A 71 30.58 19.91 25.35
C THR A 71 29.10 19.57 25.51
N ARG A 72 28.79 18.89 26.62
CA ARG A 72 27.42 18.50 26.90
C ARG A 72 27.20 18.43 28.41
N ASP A 73 25.98 18.71 28.82
CA ASP A 73 25.53 18.55 30.20
C ASP A 73 24.42 17.52 30.19
N THR A 74 24.77 16.26 30.50
CA THR A 74 23.78 15.19 30.45
C THR A 74 22.68 15.36 31.49
N SER A 75 22.99 16.01 32.61
CA SER A 75 21.97 16.19 33.65
C SER A 75 20.97 17.27 33.25
N LYS A 76 21.42 18.31 32.55
CA LYS A 76 20.53 19.34 32.04
C LYS A 76 20.01 19.05 30.64
N ASN A 77 20.54 18.01 29.98
CA ASN A 77 20.15 17.64 28.62
C ASN A 77 20.41 18.79 27.64
N GLN A 78 21.63 19.31 27.70
CA GLN A 78 22.07 20.37 26.80
C GLN A 78 23.43 20.00 26.22
N PHE A 79 23.74 20.59 25.05
CA PHE A 79 25.09 20.58 24.53
C PHE A 79 25.44 22.00 24.09
N PHE A 80 26.74 22.27 23.99
CA PHE A 80 27.23 23.63 23.91
C PHE A 80 28.24 23.78 22.78
N LEU A 81 28.28 24.98 22.21
CA LEU A 81 29.35 25.39 21.30
C LEU A 81 30.31 26.28 22.08
N LYS A 82 31.55 25.85 22.21
CA LYS A 82 32.59 26.60 22.92
C LYS A 82 33.62 27.05 21.90
N LEU A 83 33.73 28.37 21.70
CA LEU A 83 34.77 28.95 20.87
C LEU A 83 35.71 29.75 21.76
N ASN A 84 36.98 29.39 21.76
CA ASN A 84 37.94 29.98 22.70
C ASN A 84 38.07 31.49 22.47
N PHE A 85 38.15 31.91 21.20
CA PHE A 85 38.18 33.32 20.85
C PHE A 85 37.41 33.52 19.56
N VAL A 86 36.84 34.71 19.39
CA VAL A 86 36.07 35.04 18.22
C VAL A 86 36.63 36.27 17.54
N THR A 87 36.48 36.33 16.23
CA THR A 87 36.80 37.48 15.43
C THR A 87 35.51 38.14 14.96
N THR A 88 35.64 39.23 14.20
CA THR A 88 34.47 39.81 13.57
C THR A 88 33.88 38.89 12.51
N GLU A 89 34.71 38.01 11.94
CA GLU A 89 34.26 37.07 10.93
C GLU A 89 33.33 35.99 11.48
N ASP A 90 33.23 35.85 12.80
CA ASP A 90 32.35 34.89 13.42
C ASP A 90 30.94 35.41 13.61
N THR A 91 30.64 36.60 13.09
CA THR A 91 29.27 37.11 13.10
C THR A 91 28.41 36.25 12.20
N ALA A 92 27.34 35.69 12.75
CA ALA A 92 26.47 34.78 12.02
C ALA A 92 25.23 34.49 12.87
N THR A 93 24.34 33.70 12.32
CA THR A 93 23.26 33.06 13.07
C THR A 93 23.67 31.62 13.33
N TYR A 94 23.62 31.21 14.59
CA TYR A 94 24.12 29.91 15.00
C TYR A 94 22.96 28.96 15.27
N TYR A 95 23.00 27.79 14.63
CA TYR A 95 21.93 26.80 14.71
C TYR A 95 22.45 25.53 15.37
N CYS A 96 21.62 24.91 16.20
CA CYS A 96 21.88 23.54 16.60
C CYS A 96 20.93 22.61 15.86
N ALA A 97 21.42 21.40 15.59
CA ALA A 97 20.72 20.46 14.72
C ALA A 97 21.21 19.06 15.06
N SER A 98 20.43 18.06 14.65
CA SER A 98 20.74 16.68 14.99
C SER A 98 20.39 15.76 13.82
N PHE A 99 21.12 14.66 13.71
CA PHE A 99 20.78 13.59 12.80
C PHE A 99 20.89 12.25 13.52
N TYR A 100 20.01 11.32 13.14
CA TYR A 100 19.99 9.99 13.73
C TYR A 100 21.11 9.14 13.15
N TYR A 101 21.67 8.26 13.98
CA TYR A 101 22.93 7.62 13.63
C TYR A 101 22.76 6.57 12.53
N TYR A 102 21.68 5.79 12.57
CA TYR A 102 21.48 4.73 11.59
C TYR A 102 20.61 5.20 10.44
N THR A 103 21.05 6.28 9.79
CA THR A 103 20.35 6.87 8.66
C THR A 103 21.38 7.38 7.66
N SER A 104 20.88 7.96 6.56
CA SER A 104 21.72 8.71 5.63
C SER A 104 22.24 10.01 6.23
N ARG A 105 21.94 10.26 7.50
CA ARG A 105 22.33 11.42 8.28
C ARG A 105 21.81 12.74 7.74
N PRO A 106 20.52 12.88 7.43
CA PRO A 106 19.98 14.22 7.20
C PRO A 106 19.70 14.92 8.52
N LEU A 107 19.81 16.25 8.49
CA LEU A 107 19.57 17.06 9.68
C LEU A 107 18.06 17.24 9.83
N VAL A 108 17.44 16.34 10.59
CA VAL A 108 15.99 16.31 10.68
C VAL A 108 15.46 17.35 11.67
N TYR A 109 16.24 17.68 12.70
CA TYR A 109 15.82 18.63 13.72
C TYR A 109 16.74 19.84 13.70
N TRP A 110 16.15 21.03 13.81
CA TRP A 110 16.89 22.27 13.87
C TRP A 110 16.34 23.13 14.99
N GLY A 111 17.21 23.95 15.59
CA GLY A 111 16.76 24.98 16.49
C GLY A 111 16.31 26.22 15.75
N GLN A 112 15.63 27.11 16.47
CA GLN A 112 15.17 28.35 15.85
C GLN A 112 16.31 29.25 15.42
N GLY A 113 17.49 29.07 15.98
CA GLY A 113 18.63 29.90 15.66
C GLY A 113 18.82 31.03 16.66
N THR A 114 20.07 31.46 16.80
CA THR A 114 20.38 32.61 17.65
C THR A 114 21.38 33.50 16.92
N LEU A 115 21.13 34.80 16.96
CA LEU A 115 21.97 35.76 16.27
C LEU A 115 23.15 36.16 17.15
N LEU A 116 24.36 36.11 16.57
CA LEU A 116 25.56 36.51 17.28
C LEU A 116 26.30 37.57 16.47
N THR A 117 26.47 38.75 17.07
CA THR A 117 27.27 39.82 16.51
C THR A 117 28.55 39.95 17.32
N VAL A 118 29.67 40.09 16.62
CA VAL A 118 30.98 40.27 17.26
C VAL A 118 31.51 41.62 16.84
N SER A 119 31.57 42.57 17.77
CA SER A 119 32.03 43.91 17.41
C SER A 119 32.48 44.64 18.66
N SER A 120 33.49 45.50 18.48
CA SER A 120 33.98 46.37 19.55
C SER A 120 32.97 47.45 19.91
N ALA A 121 31.92 47.64 19.12
CA ALA A 121 30.94 48.68 19.39
C ALA A 121 30.17 48.35 20.67
N SER A 122 29.72 49.40 21.36
CA SER A 122 29.02 49.26 22.61
C SER A 122 27.51 49.26 22.39
N THR A 123 26.80 48.53 23.26
CA THR A 123 25.36 48.48 23.19
C THR A 123 24.76 49.87 23.38
N LYS A 124 23.80 50.23 22.53
CA LYS A 124 23.14 51.52 22.60
C LYS A 124 21.70 51.38 22.16
N GLY A 125 20.80 52.05 22.88
CA GLY A 125 19.40 52.05 22.55
C GLY A 125 19.08 53.00 21.40
N PRO A 126 17.98 52.75 20.70
CA PRO A 126 17.64 53.55 19.54
C PRO A 126 16.77 54.76 19.85
N SER A 127 16.91 55.77 19.00
CA SER A 127 16.03 56.93 19.00
C SER A 127 14.97 56.74 17.92
N VAL A 128 13.70 56.89 18.30
CA VAL A 128 12.58 56.62 17.42
C VAL A 128 11.95 57.96 17.03
N PHE A 129 11.96 58.25 15.73
CA PHE A 129 11.40 59.47 15.18
C PHE A 129 10.23 59.15 14.27
N PRO A 130 9.25 60.04 14.18
CA PRO A 130 8.09 59.79 13.31
C PRO A 130 8.35 60.09 11.84
N LEU A 131 7.72 59.27 11.00
CA LEU A 131 7.67 59.48 9.55
C LEU A 131 6.22 59.87 9.23
N ALA A 132 5.93 61.16 9.33
CA ALA A 132 4.57 61.68 9.27
C ALA A 132 4.20 62.07 7.84
N PRO A 133 2.93 61.87 7.45
CA PRO A 133 2.39 62.25 6.13
C PRO A 133 2.57 63.74 5.83
N GLY A 141 -6.63 59.99 -0.84
CA GLY A 141 -6.40 58.64 -1.35
C GLY A 141 -5.79 57.73 -0.31
N THR A 142 -4.59 57.22 -0.59
CA THR A 142 -3.85 56.37 0.33
C THR A 142 -2.70 57.17 0.94
N ALA A 143 -2.49 56.99 2.24
CA ALA A 143 -1.47 57.71 2.99
C ALA A 143 -0.47 56.74 3.59
N ALA A 144 0.78 57.18 3.71
CA ALA A 144 1.86 56.37 4.26
C ALA A 144 2.50 57.11 5.42
N LEU A 145 2.62 56.43 6.55
CA LEU A 145 3.37 56.92 7.70
C LEU A 145 4.30 55.81 8.18
N GLY A 146 5.12 56.12 9.17
CA GLY A 146 6.05 55.14 9.68
C GLY A 146 6.86 55.67 10.84
N CYS A 147 7.85 54.87 11.24
CA CYS A 147 8.75 55.19 12.33
C CYS A 147 10.18 54.93 11.90
N LEU A 148 11.09 55.85 12.25
CA LEU A 148 12.50 55.73 11.93
C LEU A 148 13.25 55.35 13.21
N VAL A 149 13.77 54.14 13.26
CA VAL A 149 14.52 53.64 14.41
C VAL A 149 16.01 53.80 14.08
N LYS A 150 16.66 54.77 14.74
CA LYS A 150 17.99 55.20 14.36
C LYS A 150 18.98 55.04 15.50
N ASP A 151 20.23 54.74 15.13
CA ASP A 151 21.39 54.80 16.03
C ASP A 151 21.23 53.85 17.22
N TYR A 152 21.21 52.55 16.90
CA TYR A 152 21.21 51.50 17.90
C TYR A 152 22.27 50.46 17.57
N PHE A 153 22.55 49.61 18.56
CA PHE A 153 23.50 48.51 18.45
C PHE A 153 23.36 47.61 19.67
N PRO A 154 23.38 46.28 19.50
CA PRO A 154 23.44 45.59 18.21
C PRO A 154 22.06 45.24 17.70
N GLU A 155 21.98 44.52 16.59
CA GLU A 155 20.71 44.04 16.12
C GLU A 155 20.25 42.86 16.98
N PRO A 156 18.95 42.55 17.02
CA PRO A 156 17.87 43.18 16.24
C PRO A 156 16.94 44.09 17.03
N VAL A 157 16.00 44.68 16.29
CA VAL A 157 14.87 45.40 16.84
C VAL A 157 13.61 44.68 16.39
N THR A 158 12.52 44.93 17.13
CA THR A 158 11.21 44.42 16.75
C THR A 158 10.22 45.58 16.77
N VAL A 159 9.54 45.79 15.65
CA VAL A 159 8.55 46.84 15.52
C VAL A 159 7.19 46.21 15.25
N SER A 160 6.16 46.78 15.86
CA SER A 160 4.78 46.45 15.54
C SER A 160 3.98 47.75 15.60
N TRP A 161 2.69 47.68 15.25
CA TRP A 161 1.86 48.86 15.13
C TRP A 161 0.55 48.66 15.88
N ASN A 162 0.34 49.59 16.81
CA ASN A 162 -0.85 49.55 17.66
C ASN A 162 -0.95 48.20 18.38
N SER A 163 0.16 47.79 18.99
CA SER A 163 0.23 46.58 19.82
C SER A 163 -0.24 45.35 19.03
N GLY A 164 0.28 45.20 17.82
CA GLY A 164 0.02 44.02 17.02
C GLY A 164 -1.34 43.99 16.35
N ALA A 165 -2.20 44.98 16.59
CA ALA A 165 -3.49 45.02 15.90
C ALA A 165 -3.29 45.35 14.42
N LEU A 166 -2.64 46.48 14.13
CA LEU A 166 -2.33 46.85 12.75
C LEU A 166 -1.25 45.93 12.21
N THR A 167 -1.63 45.07 11.24
CA THR A 167 -0.68 44.12 10.65
C THR A 167 -0.71 44.09 9.13
N SER A 168 -1.73 44.63 8.48
CA SER A 168 -1.81 44.64 7.02
C SER A 168 -1.27 45.95 6.47
N GLY A 169 -0.53 45.84 5.40
CA GLY A 169 0.09 47.03 4.84
C GLY A 169 1.34 47.48 5.55
N VAL A 170 1.87 46.69 6.49
CA VAL A 170 3.05 47.07 7.25
C VAL A 170 4.29 46.53 6.56
N HIS A 171 5.32 47.36 6.46
CA HIS A 171 6.62 46.95 5.94
C HIS A 171 7.70 47.42 6.90
N THR A 172 8.38 46.48 7.54
CA THR A 172 9.54 46.79 8.37
C THR A 172 10.80 46.41 7.61
N PHE A 173 11.69 47.36 7.45
CA PHE A 173 12.79 47.10 6.53
C PHE A 173 13.98 46.51 7.25
N PRO A 174 14.82 45.76 6.53
CA PRO A 174 16.10 45.34 7.08
C PRO A 174 16.91 46.55 7.56
N ALA A 175 17.54 46.41 8.71
CA ALA A 175 18.43 47.45 9.19
C ALA A 175 19.58 47.66 8.21
N VAL A 176 20.16 48.85 8.29
CA VAL A 176 21.35 49.18 7.51
C VAL A 176 22.42 49.66 8.49
N LEU A 177 23.67 49.28 8.22
CA LEU A 177 24.78 49.65 9.10
C LEU A 177 25.34 50.98 8.62
N GLN A 178 25.13 52.02 9.43
CA GLN A 178 25.65 53.34 9.10
C GLN A 178 27.17 53.36 9.27
N SER A 179 27.81 54.35 8.64
CA SER A 179 29.24 54.53 8.79
C SER A 179 29.66 54.74 10.23
N SER A 180 28.73 55.16 11.09
CA SER A 180 28.98 55.33 12.51
C SER A 180 28.97 54.01 13.28
N GLY A 181 28.96 52.87 12.60
CA GLY A 181 28.94 51.59 13.25
C GLY A 181 27.66 51.23 13.95
N LEU A 182 26.64 52.07 13.89
CA LEU A 182 25.34 51.79 14.48
C LEU A 182 24.31 51.51 13.40
N TYR A 183 23.24 50.84 13.80
CA TYR A 183 22.21 50.40 12.86
C TYR A 183 21.10 51.42 12.75
N SER A 184 20.32 51.30 11.66
CA SER A 184 19.17 52.16 11.44
C SER A 184 18.21 51.44 10.50
N LEU A 185 16.92 51.43 10.85
CA LEU A 185 15.89 50.90 9.97
C LEU A 185 14.63 51.76 10.13
N SER A 186 13.72 51.57 9.18
CA SER A 186 12.43 52.23 9.21
C SER A 186 11.32 51.20 9.06
N SER A 187 10.17 51.48 9.67
CA SER A 187 8.99 50.63 9.55
C SER A 187 7.83 51.51 9.14
N VAL A 188 7.13 51.11 8.07
CA VAL A 188 6.08 51.92 7.47
C VAL A 188 4.79 51.10 7.39
N VAL A 189 3.69 51.81 7.22
CA VAL A 189 2.39 51.19 6.95
C VAL A 189 1.55 52.18 6.14
N THR A 190 0.83 51.65 5.16
CA THR A 190 -0.07 52.45 4.33
C THR A 190 -1.50 52.33 4.85
N VAL A 191 -2.26 53.40 4.70
CA VAL A 191 -3.52 53.55 5.41
C VAL A 191 -4.43 54.52 4.65
N PRO A 192 -5.75 54.44 4.80
CA PRO A 192 -6.62 55.46 4.22
C PRO A 192 -6.38 56.82 4.84
N SER A 193 -6.39 57.85 4.00
CA SER A 193 -6.18 59.23 4.43
C SER A 193 -7.35 59.73 5.26
N THR A 200 -5.85 56.49 15.68
CA THR A 200 -4.53 56.66 16.29
C THR A 200 -3.56 55.58 15.81
N TYR A 201 -2.31 55.99 15.54
CA TYR A 201 -1.31 55.09 14.99
C TYR A 201 0.00 55.25 15.77
N ILE A 202 0.45 54.17 16.41
CA ILE A 202 1.64 54.20 17.25
C ILE A 202 2.47 52.97 16.92
N CYS A 203 3.78 53.17 16.70
CA CYS A 203 4.70 52.06 16.50
C CYS A 203 5.26 51.61 17.85
N ASN A 204 5.45 50.30 18.00
CA ASN A 204 6.02 49.71 19.21
C ASN A 204 7.37 49.12 18.84
N VAL A 205 8.43 49.65 19.42
CA VAL A 205 9.80 49.36 19.02
C VAL A 205 10.56 48.83 20.24
N ASN A 206 11.17 47.65 20.10
CA ASN A 206 11.81 46.95 21.20
C ASN A 206 13.24 46.61 20.81
N HIS A 207 14.21 47.14 21.54
CA HIS A 207 15.62 46.78 21.40
C HIS A 207 16.06 46.22 22.73
N LYS A 208 15.90 44.91 22.90
CA LYS A 208 16.11 44.22 24.17
C LYS A 208 17.55 44.21 24.68
N PRO A 209 18.58 44.25 23.81
CA PRO A 209 19.94 44.47 24.32
C PRO A 209 20.10 45.73 25.15
N SER A 210 19.19 46.70 25.00
CA SER A 210 19.22 47.92 25.80
C SER A 210 17.96 48.10 26.64
N ASN A 211 17.08 47.11 26.70
CA ASN A 211 15.85 47.17 27.51
C ASN A 211 14.97 48.36 27.14
N THR A 212 15.02 48.78 25.87
CA THR A 212 14.26 49.95 25.42
C THR A 212 12.94 49.49 24.81
N LYS A 213 11.84 50.03 25.32
CA LYS A 213 10.51 49.80 24.76
C LYS A 213 9.85 51.17 24.60
N VAL A 214 9.71 51.62 23.36
CA VAL A 214 9.26 52.98 23.05
C VAL A 214 7.97 52.93 22.27
N ASP A 215 6.97 53.69 22.72
CA ASP A 215 5.76 53.97 21.96
C ASP A 215 5.87 55.38 21.38
N LYS A 216 5.51 55.53 20.10
CA LYS A 216 5.65 56.80 19.40
C LYS A 216 4.48 56.99 18.46
N LYS A 217 3.76 58.09 18.59
CA LYS A 217 2.57 58.28 17.77
C LYS A 217 2.90 59.20 16.60
N VAL A 218 2.56 58.74 15.40
CA VAL A 218 2.82 59.43 14.15
C VAL A 218 1.49 59.99 13.63
N GLU A 219 1.30 61.29 13.75
CA GLU A 219 0.15 61.95 13.17
C GLU A 219 0.62 63.30 12.57
N PRO A 220 0.06 63.69 11.44
CA PRO A 220 0.76 64.67 10.60
C PRO A 220 0.59 66.11 11.08
N LYS A 221 1.60 66.92 10.76
CA LYS A 221 1.53 68.35 11.01
C LYS A 221 1.21 69.06 9.69
N GLU B 1 37.98 18.50 1.50
CA GLU B 1 36.60 18.88 1.73
C GLU B 1 35.78 18.75 0.46
N ILE B 2 34.63 18.06 0.55
CA ILE B 2 33.75 17.92 -0.60
C ILE B 2 33.08 19.25 -0.86
N VAL B 3 33.29 19.80 -2.06
CA VAL B 3 32.76 21.11 -2.43
C VAL B 3 31.46 20.89 -3.20
N LEU B 4 30.40 21.57 -2.78
CA LEU B 4 29.10 21.51 -3.43
C LEU B 4 28.87 22.80 -4.19
N THR B 5 28.63 22.69 -5.49
CA THR B 5 28.36 23.83 -6.36
C THR B 5 26.90 23.81 -6.77
N GLN B 6 26.14 24.81 -6.32
CA GLN B 6 24.74 24.92 -6.69
C GLN B 6 24.57 25.83 -7.90
N SER B 7 23.49 25.61 -8.65
CA SER B 7 23.19 26.40 -9.83
C SER B 7 21.70 26.31 -10.14
N PRO B 8 21.03 27.43 -10.42
CA PRO B 8 21.60 28.79 -10.48
C PRO B 8 21.70 29.44 -9.10
N ALA B 9 22.32 30.61 -9.01
CA ALA B 9 22.35 31.33 -7.74
C ALA B 9 20.97 31.86 -7.39
N SER B 10 20.21 32.28 -8.40
CA SER B 10 18.84 32.72 -8.22
C SER B 10 18.02 32.24 -9.41
N LEU B 11 16.70 32.20 -9.23
CA LEU B 11 15.82 31.75 -10.30
C LEU B 11 14.44 32.33 -10.09
N ALA B 12 13.88 32.93 -11.14
CA ALA B 12 12.52 33.46 -11.12
C ALA B 12 11.63 32.51 -11.90
N VAL B 13 10.51 32.13 -11.29
CA VAL B 13 9.58 31.16 -11.88
C VAL B 13 8.16 31.65 -11.60
N SER B 14 7.30 31.51 -12.60
CA SER B 14 5.90 31.87 -12.44
C SER B 14 5.12 30.68 -11.88
N LEU B 15 3.99 30.99 -11.25
CA LEU B 15 3.18 29.97 -10.58
C LEU B 15 2.83 28.82 -11.52
N GLY B 16 2.76 27.62 -10.96
CA GLY B 16 2.41 26.43 -11.72
C GLY B 16 3.50 25.88 -12.60
N GLN B 17 4.53 26.67 -12.90
CA GLN B 17 5.62 26.24 -13.75
C GLN B 17 6.62 25.41 -12.93
N ARG B 18 7.45 24.65 -13.63
CA ARG B 18 8.45 23.79 -13.01
C ARG B 18 9.72 24.57 -12.71
N ALA B 19 10.26 24.37 -11.51
CA ALA B 19 11.54 24.94 -11.10
C ALA B 19 12.47 23.80 -10.70
N THR B 20 13.66 23.77 -11.28
CA THR B 20 14.63 22.71 -11.04
C THR B 20 15.96 23.32 -10.64
N ILE B 21 16.45 22.97 -9.44
CA ILE B 21 17.74 23.41 -8.93
C ILE B 21 18.71 22.25 -9.01
N SER B 22 19.97 22.54 -9.34
CA SER B 22 20.99 21.52 -9.51
C SER B 22 22.11 21.71 -8.50
N CYS B 23 22.68 20.59 -8.05
CA CYS B 23 23.82 20.58 -7.15
C CYS B 23 24.85 19.61 -7.68
N ARG B 24 26.12 20.02 -7.69
CA ARG B 24 27.21 19.18 -8.19
C ARG B 24 28.30 19.12 -7.13
N ALA B 25 28.78 17.90 -6.86
CA ALA B 25 29.74 17.64 -5.80
C ALA B 25 31.13 17.45 -6.38
N SER B 26 32.14 17.98 -5.67
CA SER B 26 33.52 17.87 -6.11
C SER B 26 33.99 16.42 -6.22
N GLU B 27 33.33 15.50 -5.51
CA GLU B 27 33.63 14.08 -5.63
C GLU B 27 32.36 13.30 -5.35
N SER B 28 32.42 11.99 -5.57
CA SER B 28 31.23 11.16 -5.48
C SER B 28 30.71 11.13 -4.04
N VAL B 29 29.38 11.18 -3.92
CA VAL B 29 28.68 11.19 -2.64
C VAL B 29 28.05 9.83 -2.33
N GLU B 30 28.04 8.91 -3.29
CA GLU B 30 27.54 7.57 -3.06
C GLU B 30 28.30 6.87 -1.95
N TYR B 31 27.59 6.01 -1.22
CA TYR B 31 28.22 5.07 -0.31
C TYR B 31 27.27 3.91 -0.10
N SER B 32 27.75 2.69 -0.40
CA SER B 32 26.92 1.48 -0.30
C SER B 32 25.64 1.63 -1.12
N GLY B 33 25.77 2.24 -2.29
CA GLY B 33 24.64 2.43 -3.18
C GLY B 33 23.64 3.49 -2.75
N THR B 34 23.94 4.26 -1.71
CA THR B 34 23.07 5.31 -1.22
C THR B 34 23.72 6.67 -1.48
N SER B 35 22.92 7.61 -1.97
CA SER B 35 23.38 8.96 -2.25
C SER B 35 23.24 9.80 -0.98
N LEU B 36 24.35 10.04 -0.31
CA LEU B 36 24.36 10.79 0.95
C LEU B 36 24.24 12.29 0.66
N MET B 37 23.11 12.65 0.05
CA MET B 37 22.86 14.01 -0.41
C MET B 37 21.44 14.39 -0.03
N HIS B 38 21.29 15.56 0.61
CA HIS B 38 20.00 15.99 1.13
C HIS B 38 19.69 17.39 0.63
N TRP B 39 18.39 17.72 0.63
CA TRP B 39 17.91 19.03 0.20
C TRP B 39 17.12 19.68 1.34
N TYR B 40 17.30 20.99 1.49
CA TYR B 40 16.61 21.75 2.51
C TYR B 40 15.99 23.00 1.92
N GLN B 41 14.87 23.42 2.51
CA GLN B 41 14.22 24.68 2.18
C GLN B 41 14.29 25.59 3.40
N GLN B 42 14.71 26.84 3.20
CA GLN B 42 14.80 27.82 4.27
C GLN B 42 14.05 29.08 3.88
N LYS B 43 13.07 29.46 4.68
CA LYS B 43 12.38 30.73 4.59
C LYS B 43 13.12 31.78 5.41
N PRO B 44 12.90 33.06 5.14
CA PRO B 44 13.57 34.09 5.94
C PRO B 44 13.12 34.08 7.39
N GLY B 45 14.09 34.22 8.29
CA GLY B 45 13.82 34.22 9.72
C GLY B 45 13.53 32.86 10.31
N GLN B 46 13.92 31.80 9.63
CA GLN B 46 13.59 30.43 10.04
C GLN B 46 14.79 29.54 9.76
N PRO B 47 14.89 28.42 10.50
CA PRO B 47 15.96 27.46 10.21
C PRO B 47 15.67 26.68 8.94
N PRO B 48 16.68 26.07 8.34
CA PRO B 48 16.42 25.17 7.21
C PRO B 48 15.51 24.01 7.61
N LYS B 49 14.69 23.59 6.67
CA LYS B 49 13.74 22.50 6.84
C LYS B 49 14.07 21.38 5.85
N LEU B 50 14.03 20.14 6.32
CA LEU B 50 14.42 19.01 5.48
C LEU B 50 13.34 18.73 4.46
N LEU B 51 13.72 18.70 3.19
CA LEU B 51 12.82 18.38 2.09
C LEU B 51 13.05 16.99 1.54
N ILE B 52 14.27 16.70 1.10
CA ILE B 52 14.64 15.43 0.48
C ILE B 52 15.87 14.90 1.19
N TYR B 53 15.84 13.63 1.57
CA TYR B 53 17.02 12.94 2.10
C TYR B 53 17.37 11.77 1.20
N ALA B 54 18.64 11.39 1.23
CA ALA B 54 19.19 10.34 0.36
C ALA B 54 18.93 10.65 -1.12
N ALA B 55 18.80 11.94 -1.43
CA ALA B 55 18.77 12.53 -2.77
C ALA B 55 17.49 12.25 -3.55
N SER B 56 16.64 11.35 -3.06
CA SER B 56 15.39 11.07 -3.77
C SER B 56 14.20 10.78 -2.86
N ASN B 57 14.35 10.85 -1.55
CA ASN B 57 13.28 10.45 -0.64
C ASN B 57 12.63 11.70 -0.05
N VAL B 58 11.34 11.86 -0.30
CA VAL B 58 10.59 13.02 0.17
C VAL B 58 10.24 12.80 1.64
N GLU B 59 10.65 13.75 2.49
CA GLU B 59 10.40 13.63 3.92
C GLU B 59 8.91 13.71 4.21
N SER B 60 8.50 13.02 5.28
CA SER B 60 7.11 13.06 5.72
C SER B 60 6.63 14.49 5.92
N GLY B 61 5.41 14.77 5.46
CA GLY B 61 4.82 16.09 5.56
C GLY B 61 5.14 17.02 4.40
N VAL B 62 6.16 16.71 3.61
CA VAL B 62 6.55 17.58 2.50
C VAL B 62 5.61 17.32 1.33
N PRO B 63 5.08 18.37 0.68
CA PRO B 63 4.10 18.16 -0.39
C PRO B 63 4.68 17.38 -1.56
N ALA B 64 3.79 16.71 -2.29
CA ALA B 64 4.19 15.84 -3.39
C ALA B 64 4.82 16.59 -4.55
N ARG B 65 4.61 17.91 -4.64
CA ARG B 65 5.17 18.67 -5.75
C ARG B 65 6.69 18.78 -5.70
N PHE B 66 7.33 18.29 -4.64
CA PHE B 66 8.78 18.25 -4.55
C PHE B 66 9.29 16.87 -4.93
N SER B 67 10.47 16.84 -5.53
CA SER B 67 11.09 15.59 -5.94
C SER B 67 12.58 15.80 -6.13
N GLY B 68 13.34 14.74 -5.94
CA GLY B 68 14.78 14.80 -6.08
C GLY B 68 15.30 13.64 -6.90
N SER B 69 16.40 13.88 -7.60
CA SER B 69 17.00 12.87 -8.45
C SER B 69 18.50 13.09 -8.53
N GLY B 70 19.19 12.10 -9.07
CA GLY B 70 20.62 12.16 -9.25
C GLY B 70 21.33 11.03 -8.54
N SER B 71 22.65 11.01 -8.74
CA SER B 71 23.54 10.02 -8.14
C SER B 71 24.97 10.51 -8.38
N GLY B 72 25.93 9.79 -7.82
CA GLY B 72 27.32 10.13 -8.05
C GLY B 72 27.68 11.53 -7.58
N THR B 73 27.86 12.44 -8.52
CA THR B 73 28.24 13.81 -8.23
C THR B 73 27.24 14.85 -8.73
N ASP B 74 26.10 14.44 -9.24
CA ASP B 74 25.14 15.36 -9.86
C ASP B 74 23.73 15.07 -9.36
N PHE B 75 23.07 16.09 -8.82
CA PHE B 75 21.76 15.93 -8.19
C PHE B 75 20.89 17.11 -8.58
N SER B 76 19.57 16.89 -8.50
CA SER B 76 18.61 17.90 -8.92
C SER B 76 17.37 17.86 -8.05
N LEU B 77 16.93 19.03 -7.58
CA LEU B 77 15.66 19.20 -6.91
C LEU B 77 14.63 19.75 -7.88
N ASN B 78 13.42 19.21 -7.85
CA ASN B 78 12.36 19.61 -8.77
C ASN B 78 11.12 20.01 -8.01
N ILE B 79 10.54 21.15 -8.37
CA ILE B 79 9.29 21.64 -7.80
C ILE B 79 8.33 21.90 -8.96
N HIS B 80 7.21 21.18 -8.96
CA HIS B 80 6.18 21.36 -9.97
C HIS B 80 4.86 20.79 -9.48
N PRO B 81 3.78 21.58 -9.45
CA PRO B 81 3.77 22.99 -9.82
C PRO B 81 4.22 23.91 -8.68
N VAL B 82 5.04 24.92 -9.01
CA VAL B 82 5.46 25.89 -8.01
C VAL B 82 4.24 26.63 -7.48
N GLU B 83 4.14 26.73 -6.17
CA GLU B 83 3.08 27.46 -5.50
C GLU B 83 3.66 28.70 -4.82
N GLU B 84 2.78 29.46 -4.18
CA GLU B 84 3.21 30.68 -3.49
C GLU B 84 4.06 30.37 -2.27
N ASP B 85 3.72 29.30 -1.54
CA ASP B 85 4.49 28.89 -0.39
C ASP B 85 5.95 28.68 -0.74
N ASP B 86 6.24 28.26 -1.96
CA ASP B 86 7.55 27.75 -2.33
C ASP B 86 8.61 28.83 -2.52
N ILE B 87 8.28 30.10 -2.33
CA ILE B 87 9.29 31.15 -2.39
C ILE B 87 10.22 31.01 -1.17
N ALA B 88 11.47 30.64 -1.42
CA ALA B 88 12.44 30.43 -0.35
C ALA B 88 13.85 30.19 -0.88
N MET B 89 14.80 30.00 0.03
CA MET B 89 16.13 29.52 -0.32
C MET B 89 16.13 27.99 -0.30
N TYR B 90 17.04 27.40 -1.07
CA TYR B 90 17.13 25.95 -1.17
C TYR B 90 18.59 25.53 -1.17
N PHE B 91 18.95 24.63 -0.26
CA PHE B 91 20.33 24.19 -0.07
C PHE B 91 20.45 22.69 -0.30
N CYS B 92 21.52 22.30 -0.97
CA CYS B 92 21.95 20.90 -0.96
C CYS B 92 23.02 20.71 0.10
N GLN B 93 23.16 19.48 0.57
CA GLN B 93 24.12 19.19 1.63
C GLN B 93 24.53 17.72 1.53
N GLN B 94 25.83 17.48 1.55
CA GLN B 94 26.37 16.12 1.55
C GLN B 94 26.74 15.70 2.96
N SER B 95 26.51 14.43 3.27
CA SER B 95 26.93 13.84 4.54
C SER B 95 27.77 12.60 4.28
N ARG B 96 28.40 12.51 3.10
CA ARG B 96 29.24 11.37 2.78
C ARG B 96 30.56 11.43 3.54
N LYS B 97 31.17 12.61 3.61
CA LYS B 97 32.45 12.78 4.28
C LYS B 97 32.40 13.97 5.21
N VAL B 98 33.20 13.89 6.28
CA VAL B 98 33.31 14.95 7.27
C VAL B 98 34.53 15.79 6.90
N PRO B 99 34.46 17.13 6.97
CA PRO B 99 33.33 17.95 7.41
C PRO B 99 32.16 17.96 6.43
N TYR B 100 30.95 18.04 6.97
CA TYR B 100 29.77 18.17 6.12
C TYR B 100 29.73 19.55 5.49
N THR B 101 29.24 19.61 4.26
CA THR B 101 29.29 20.83 3.47
C THR B 101 27.95 21.09 2.80
N PHE B 102 27.69 22.36 2.52
CA PHE B 102 26.47 22.80 1.88
C PHE B 102 26.78 23.47 0.55
N GLY B 103 25.80 23.49 -0.33
CA GLY B 103 25.87 24.35 -1.49
C GLY B 103 25.66 25.80 -1.11
N GLY B 104 26.01 26.69 -2.04
CA GLY B 104 25.85 28.10 -1.79
C GLY B 104 24.41 28.58 -1.66
N GLY B 105 23.44 27.73 -2.00
CA GLY B 105 22.05 28.09 -1.94
C GLY B 105 21.53 28.62 -3.26
N THR B 106 20.22 28.51 -3.44
CA THR B 106 19.53 29.01 -4.62
C THR B 106 18.29 29.77 -4.17
N LYS B 107 18.27 31.08 -4.42
CA LYS B 107 17.13 31.91 -4.06
C LYS B 107 16.03 31.76 -5.10
N LEU B 108 14.84 31.36 -4.66
CA LEU B 108 13.69 31.15 -5.54
C LEU B 108 12.79 32.38 -5.45
N GLU B 109 12.63 33.07 -6.57
CA GLU B 109 11.76 34.24 -6.65
C GLU B 109 10.58 33.94 -7.57
N LEU B 110 9.48 34.65 -7.32
CA LEU B 110 8.22 34.46 -8.05
C LEU B 110 8.04 35.53 -9.11
N LYS B 111 7.53 35.12 -10.26
CA LYS B 111 7.19 36.06 -11.33
C LYS B 111 5.74 36.51 -11.21
N ARG B 112 5.50 37.79 -11.46
CA ARG B 112 4.16 38.34 -11.45
C ARG B 112 4.14 39.53 -12.41
N THR B 113 2.98 40.18 -12.49
CA THR B 113 2.84 41.30 -13.42
C THR B 113 3.55 42.55 -12.88
N VAL B 114 3.83 43.47 -13.79
CA VAL B 114 4.48 44.72 -13.43
C VAL B 114 3.60 45.49 -12.47
N ALA B 115 4.20 45.98 -11.38
CA ALA B 115 3.52 46.85 -10.43
C ALA B 115 4.42 48.05 -10.18
N ALA B 116 3.92 49.25 -10.50
CA ALA B 116 4.73 50.43 -10.29
C ALA B 116 4.74 50.81 -8.81
N PRO B 117 5.86 51.36 -8.33
CA PRO B 117 5.92 51.73 -6.92
C PRO B 117 5.11 52.98 -6.63
N SER B 118 4.48 53.00 -5.45
CA SER B 118 3.94 54.22 -4.87
C SER B 118 5.04 54.88 -4.07
N VAL B 119 5.43 56.09 -4.47
CA VAL B 119 6.60 56.76 -3.92
C VAL B 119 6.15 57.80 -2.89
N PHE B 120 6.78 57.77 -1.72
CA PHE B 120 6.56 58.76 -0.68
C PHE B 120 7.90 59.30 -0.21
N ILE B 121 7.92 60.59 0.14
CA ILE B 121 9.08 61.22 0.72
C ILE B 121 8.70 61.76 2.09
N PHE B 122 9.63 61.70 3.04
CA PHE B 122 9.40 62.19 4.38
C PHE B 122 10.51 63.17 4.74
N PRO B 123 10.18 64.34 5.26
CA PRO B 123 11.22 65.25 5.73
C PRO B 123 11.71 64.82 7.09
N PRO B 124 12.91 65.24 7.50
CA PRO B 124 13.40 64.86 8.84
C PRO B 124 12.53 65.47 9.93
N SER B 125 12.17 64.64 10.91
CA SER B 125 11.55 65.15 12.12
C SER B 125 12.40 66.26 12.69
N ASP B 126 11.78 67.34 13.17
CA ASP B 126 12.61 68.30 13.88
C ASP B 126 13.02 67.79 15.25
N GLU B 127 12.34 66.76 15.78
CA GLU B 127 12.90 66.04 16.91
C GLU B 127 14.27 65.48 16.56
N GLN B 128 14.41 64.94 15.35
CA GLN B 128 15.70 64.47 14.88
C GLN B 128 16.64 65.62 14.52
N LEU B 129 16.10 66.79 14.20
CA LEU B 129 16.96 67.94 13.95
C LEU B 129 17.47 68.54 15.27
N LYS B 130 16.63 68.56 16.31
CA LYS B 130 17.11 68.91 17.64
C LYS B 130 18.31 68.05 18.04
N SER B 131 18.40 66.83 17.49
CA SER B 131 19.50 65.93 17.80
C SER B 131 20.81 66.37 17.15
N GLY B 132 20.73 66.95 15.95
CA GLY B 132 21.91 67.48 15.28
C GLY B 132 22.20 66.93 13.90
N THR B 133 21.48 65.91 13.43
CA THR B 133 21.60 65.42 12.07
C THR B 133 20.21 65.31 11.44
N ALA B 134 20.18 64.98 10.16
CA ALA B 134 18.91 64.97 9.42
C ALA B 134 18.89 63.78 8.46
N SER B 135 17.77 63.06 8.45
CA SER B 135 17.61 61.90 7.58
C SER B 135 16.32 62.06 6.79
N VAL B 136 16.46 62.23 5.48
CA VAL B 136 15.32 62.26 4.56
C VAL B 136 15.07 60.84 4.07
N VAL B 137 13.84 60.38 4.19
CA VAL B 137 13.46 59.01 3.86
C VAL B 137 12.57 59.03 2.63
N CYS B 138 12.82 58.09 1.71
CA CYS B 138 12.01 57.89 0.51
C CYS B 138 11.53 56.45 0.49
N LEU B 139 10.23 56.25 0.31
CA LEU B 139 9.61 54.94 0.35
C LEU B 139 9.11 54.55 -1.03
N LEU B 140 9.40 53.32 -1.44
CA LEU B 140 8.91 52.74 -2.69
C LEU B 140 8.08 51.51 -2.30
N ASN B 141 6.76 51.64 -2.35
CA ASN B 141 5.87 50.62 -1.78
C ASN B 141 5.29 49.74 -2.88
N ASN B 142 5.44 48.42 -2.71
CA ASN B 142 4.68 47.41 -3.44
C ASN B 142 4.88 47.52 -4.97
N PHE B 143 6.10 47.22 -5.38
CA PHE B 143 6.45 47.20 -6.79
C PHE B 143 7.01 45.85 -7.20
N TYR B 144 7.03 45.62 -8.53
CA TYR B 144 7.64 44.45 -9.16
C TYR B 144 7.92 44.82 -10.60
N PRO B 145 9.08 44.43 -11.17
CA PRO B 145 10.16 43.63 -10.58
C PRO B 145 10.97 44.35 -9.51
N ARG B 146 11.94 43.64 -8.93
CA ARG B 146 12.74 44.21 -7.85
C ARG B 146 13.58 45.37 -8.33
N GLU B 147 14.05 45.32 -9.57
CA GLU B 147 14.94 46.33 -10.11
C GLU B 147 14.30 47.71 -10.03
N ALA B 148 14.92 48.59 -9.24
CA ALA B 148 14.43 49.95 -9.04
C ALA B 148 15.61 50.83 -8.70
N LYS B 149 15.59 52.05 -9.23
CA LYS B 149 16.68 53.00 -9.08
C LYS B 149 16.22 54.18 -8.23
N VAL B 150 16.98 54.50 -7.19
CA VAL B 150 16.72 55.65 -6.35
C VAL B 150 17.88 56.61 -6.48
N GLN B 151 17.56 57.89 -6.73
CA GLN B 151 18.58 58.93 -6.78
C GLN B 151 18.05 60.16 -6.06
N TRP B 152 18.89 60.74 -5.21
CA TRP B 152 18.53 61.91 -4.42
C TRP B 152 19.01 63.18 -5.12
N LYS B 153 18.27 64.26 -4.91
CA LYS B 153 18.57 65.55 -5.51
C LYS B 153 18.40 66.64 -4.46
N VAL B 154 19.47 67.38 -4.18
CA VAL B 154 19.43 68.49 -3.25
C VAL B 154 19.55 69.78 -4.05
N ASP B 155 18.44 70.53 -4.15
CA ASP B 155 18.35 71.67 -5.06
C ASP B 155 18.81 71.27 -6.46
N ASN B 156 18.39 70.06 -6.87
CA ASN B 156 18.80 69.41 -8.11
C ASN B 156 20.31 69.16 -8.19
N ALA B 157 21.00 69.16 -7.05
CA ALA B 157 22.36 68.66 -7.04
C ALA B 157 22.33 67.15 -6.79
N LEU B 158 22.98 66.41 -7.68
CA LEU B 158 22.98 64.96 -7.57
C LEU B 158 23.85 64.52 -6.40
N GLN B 159 23.31 63.61 -5.58
CA GLN B 159 24.01 63.10 -4.42
C GLN B 159 24.68 61.76 -4.72
N SER B 160 25.65 61.41 -3.86
CA SER B 160 26.36 60.15 -3.97
C SER B 160 27.05 59.87 -2.64
N GLY B 161 27.07 58.60 -2.24
CA GLY B 161 27.76 58.17 -1.04
C GLY B 161 27.12 58.58 0.27
N ASN B 162 25.98 59.27 0.26
CA ASN B 162 25.33 59.72 1.49
C ASN B 162 23.93 59.13 1.64
N SER B 163 23.64 58.02 0.96
CA SER B 163 22.34 57.37 1.03
C SER B 163 22.53 55.88 1.27
N GLN B 164 21.52 55.27 1.88
CA GLN B 164 21.53 53.83 2.14
C GLN B 164 20.14 53.28 1.85
N GLU B 165 20.10 52.19 1.09
CA GLU B 165 18.84 51.56 0.71
C GLU B 165 18.58 50.31 1.55
N SER B 166 17.35 49.80 1.41
CA SER B 166 16.94 48.57 2.07
C SER B 166 15.65 48.07 1.42
N VAL B 167 15.64 46.81 1.00
CA VAL B 167 14.49 46.21 0.33
C VAL B 167 13.95 45.08 1.17
N THR B 168 12.63 44.93 1.19
CA THR B 168 12.00 43.81 1.87
C THR B 168 12.06 42.56 1.01
N GLU B 169 11.67 41.44 1.60
CA GLU B 169 11.56 40.20 0.85
C GLU B 169 10.23 40.16 0.10
N GLN B 170 10.22 39.40 -1.00
CA GLN B 170 9.03 39.27 -1.83
C GLN B 170 7.82 38.93 -0.98
N ASP B 171 6.80 39.78 -1.04
CA ASP B 171 5.65 39.61 -0.15
C ASP B 171 4.96 38.28 -0.42
N SER B 172 4.42 37.70 0.64
CA SER B 172 3.76 36.41 0.53
C SER B 172 2.41 36.52 -0.16
N LYS B 173 1.76 37.68 -0.10
CA LYS B 173 0.42 37.79 -0.67
C LYS B 173 0.46 38.22 -2.14
N ASP B 174 1.05 39.39 -2.42
CA ASP B 174 1.00 40.01 -3.73
C ASP B 174 2.33 39.93 -4.48
N SER B 175 3.35 39.30 -3.89
CA SER B 175 4.65 39.06 -4.53
C SER B 175 5.37 40.36 -4.91
N THR B 176 5.07 41.47 -4.24
CA THR B 176 5.73 42.73 -4.51
C THR B 176 6.87 42.95 -3.53
N TYR B 177 7.73 43.89 -3.88
CA TYR B 177 8.82 44.34 -3.02
C TYR B 177 8.53 45.75 -2.51
N SER B 178 9.36 46.20 -1.58
CA SER B 178 9.28 47.57 -1.09
C SER B 178 10.70 48.01 -0.72
N LEU B 179 10.97 49.30 -0.91
CA LEU B 179 12.31 49.84 -0.73
C LEU B 179 12.26 51.10 0.12
N SER B 180 13.28 51.28 0.95
CA SER B 180 13.47 52.50 1.72
C SER B 180 14.88 53.00 1.48
N SER B 181 15.00 54.28 1.12
CA SER B 181 16.28 54.95 1.00
C SER B 181 16.34 56.10 1.99
N THR B 182 17.47 56.24 2.67
CA THR B 182 17.64 57.22 3.72
C THR B 182 18.81 58.13 3.37
N LEU B 183 18.52 59.41 3.19
CA LEU B 183 19.56 60.40 2.93
C LEU B 183 19.96 61.04 4.26
N THR B 184 21.21 60.84 4.67
CA THR B 184 21.70 61.34 5.94
C THR B 184 22.58 62.56 5.71
N LEU B 185 22.18 63.70 6.29
CA LEU B 185 22.91 64.94 6.17
C LEU B 185 23.05 65.58 7.53
N SER B 186 24.12 66.37 7.68
CA SER B 186 24.25 67.22 8.85
C SER B 186 23.08 68.20 8.90
N LYS B 187 22.66 68.55 10.12
CA LYS B 187 21.61 69.56 10.24
C LYS B 187 22.06 70.89 9.66
N ALA B 188 23.37 71.16 9.66
CA ALA B 188 23.89 72.36 9.03
C ALA B 188 23.66 72.33 7.52
N ASP B 189 24.14 71.27 6.85
CA ASP B 189 23.93 71.16 5.41
C ASP B 189 22.46 71.04 5.06
N TYR B 190 21.65 70.48 5.95
CA TYR B 190 20.22 70.37 5.68
C TYR B 190 19.56 71.73 5.65
N GLU B 191 19.86 72.58 6.62
CA GLU B 191 19.26 73.90 6.71
C GLU B 191 19.84 74.89 5.71
N LYS B 192 20.81 74.48 4.89
CA LYS B 192 21.41 75.34 3.89
C LYS B 192 20.77 75.21 2.52
N HIS B 193 19.95 74.19 2.28
CA HIS B 193 19.37 73.94 0.97
C HIS B 193 17.85 73.97 1.06
N LYS B 194 17.21 73.94 -0.10
CA LYS B 194 15.81 74.35 -0.23
C LYS B 194 14.87 73.20 -0.56
N VAL B 195 15.06 72.52 -1.69
CA VAL B 195 14.10 71.53 -2.18
C VAL B 195 14.79 70.18 -2.17
N TYR B 196 14.20 69.21 -1.46
CA TYR B 196 14.72 67.84 -1.41
C TYR B 196 13.85 66.94 -2.27
N ALA B 197 14.49 66.22 -3.20
CA ALA B 197 13.76 65.43 -4.19
C ALA B 197 14.28 64.00 -4.21
N CYS B 198 13.35 63.07 -4.48
CA CYS B 198 13.65 61.66 -4.63
C CYS B 198 13.16 61.22 -6.01
N GLU B 199 14.07 60.67 -6.82
CA GLU B 199 13.76 60.31 -8.21
C GLU B 199 13.86 58.80 -8.36
N VAL B 200 12.72 58.18 -8.67
CA VAL B 200 12.58 56.73 -8.71
C VAL B 200 12.45 56.28 -10.16
N THR B 201 13.27 55.31 -10.57
CA THR B 201 13.24 54.74 -11.91
C THR B 201 12.80 53.28 -11.81
N HIS B 202 11.65 52.96 -12.40
CA HIS B 202 11.13 51.61 -12.34
C HIS B 202 10.44 51.25 -13.65
N GLN B 203 10.40 49.94 -13.94
CA GLN B 203 9.81 49.44 -15.17
C GLN B 203 8.34 49.82 -15.29
N GLY B 204 7.63 49.93 -14.17
CA GLY B 204 6.22 50.27 -14.17
C GLY B 204 5.92 51.74 -14.33
N LEU B 205 6.93 52.57 -14.58
CA LEU B 205 6.74 54.00 -14.77
C LEU B 205 7.18 54.38 -16.17
N SER B 206 6.42 55.26 -16.81
CA SER B 206 6.76 55.68 -18.17
C SER B 206 8.08 56.42 -18.23
N SER B 207 8.47 57.04 -17.13
CA SER B 207 9.70 57.82 -16.98
C SER B 207 9.87 58.11 -15.50
N PRO B 208 11.09 58.38 -15.02
CA PRO B 208 11.33 58.45 -13.58
C PRO B 208 10.44 59.50 -12.89
N VAL B 209 9.77 59.06 -11.83
CA VAL B 209 8.90 59.90 -11.03
C VAL B 209 9.71 60.55 -9.91
N THR B 210 9.39 61.80 -9.59
CA THR B 210 10.06 62.52 -8.51
C THR B 210 9.02 63.02 -7.51
N LYS B 211 9.26 62.75 -6.23
CA LYS B 211 8.49 63.31 -5.13
C LYS B 211 9.41 64.23 -4.33
N SER B 212 8.89 65.39 -3.93
CA SER B 212 9.73 66.45 -3.40
C SER B 212 9.03 67.17 -2.26
N PHE B 213 9.74 68.13 -1.65
CA PHE B 213 9.19 69.02 -0.65
C PHE B 213 10.15 70.17 -0.43
N ASN B 214 9.63 71.25 0.15
CA ASN B 214 10.41 72.39 0.61
C ASN B 214 10.34 72.44 2.13
N ARG B 215 11.42 72.87 2.77
CA ARG B 215 11.39 72.97 4.22
C ARG B 215 10.38 74.03 4.65
N GLY B 216 9.34 73.59 5.34
CA GLY B 216 8.24 74.45 5.72
C GLY B 216 6.94 73.96 5.12
N GLU B 217 6.01 73.53 5.97
CA GLU B 217 4.69 73.04 5.59
C GLU B 217 4.71 72.13 4.37
N GLU C 101 23.02 -7.33 20.23
CA GLU C 101 21.99 -8.35 20.35
C GLU C 101 20.60 -7.71 20.54
N LEU C 102 19.60 -8.28 19.88
CA LEU C 102 18.24 -7.79 20.03
C LEU C 102 17.71 -8.14 21.41
N GLU C 103 17.19 -7.14 22.11
CA GLU C 103 16.74 -7.28 23.49
C GLU C 103 15.26 -6.94 23.60
N ILE C 104 14.53 -7.74 24.38
CA ILE C 104 13.14 -7.47 24.70
C ILE C 104 13.12 -6.62 25.96
N ARG C 105 12.41 -5.50 25.91
CA ARG C 105 12.37 -4.60 27.06
C ARG C 105 10.99 -3.96 27.15
N PHE C 106 10.42 -3.97 28.36
CA PHE C 106 9.11 -3.38 28.59
C PHE C 106 9.30 -1.98 29.17
N GLU C 107 9.53 -1.03 28.26
CA GLU C 107 9.52 0.39 28.57
C GLU C 107 9.41 1.15 27.26
N GLU C 108 8.95 2.39 27.35
CA GLU C 108 8.67 3.16 26.16
C GLU C 108 9.96 3.50 25.41
N CYS C 109 9.84 3.63 24.09
CA CYS C 109 10.96 4.06 23.27
C CYS C 109 11.28 5.53 23.53
N PRO C 110 12.55 5.90 23.48
CA PRO C 110 12.93 7.31 23.70
C PRO C 110 12.18 8.25 22.75
N GLY C 111 11.70 9.35 23.32
CA GLY C 111 10.98 10.35 22.55
C GLY C 111 9.55 9.99 22.20
N THR C 112 9.01 8.90 22.74
CA THR C 112 7.70 8.42 22.35
C THR C 112 6.80 8.26 23.57
N LYS C 113 5.51 8.11 23.31
CA LYS C 113 4.50 7.90 24.34
C LYS C 113 3.42 6.99 23.77
N VAL C 114 2.89 6.09 24.60
CA VAL C 114 1.90 5.11 24.18
C VAL C 114 0.58 5.41 24.89
N HIS C 115 -0.49 5.55 24.10
CA HIS C 115 -1.83 5.75 24.62
C HIS C 115 -2.64 4.47 24.41
N VAL C 116 -3.21 3.93 25.47
CA VAL C 116 -4.14 2.81 25.36
C VAL C 116 -5.49 3.36 24.92
N GLU C 117 -5.94 2.97 23.73
CA GLU C 117 -7.17 3.53 23.15
C GLU C 117 -7.84 2.49 22.27
N GLU C 118 -9.17 2.41 22.38
CA GLU C 118 -9.95 1.64 21.41
C GLU C 118 -9.79 2.20 20.00
N THR C 119 -9.51 3.51 19.89
CA THR C 119 -9.42 4.17 18.59
C THR C 119 -8.21 3.71 17.78
N CYS C 120 -7.26 3.04 18.42
CA CYS C 120 -6.04 2.63 17.74
C CYS C 120 -6.30 1.57 16.66
N GLY C 121 -5.34 1.44 15.75
CA GLY C 121 -5.37 0.35 14.78
C GLY C 121 -5.07 -0.99 15.41
N THR C 122 -5.28 -2.04 14.64
CA THR C 122 -5.05 -3.39 15.10
C THR C 122 -3.55 -3.72 15.03
N ARG C 123 -3.19 -4.90 15.50
CA ARG C 123 -1.80 -5.29 15.52
C ARG C 123 -1.28 -5.55 14.11
N GLY C 124 -0.05 -5.13 13.85
CA GLY C 124 0.54 -5.24 12.54
C GLY C 124 2.04 -5.39 12.62
N PRO C 125 2.73 -5.08 11.51
CA PRO C 125 4.19 -5.19 11.49
C PRO C 125 4.83 -4.34 12.58
N SER C 126 5.90 -4.86 13.14
CA SER C 126 6.67 -4.16 14.18
C SER C 126 7.42 -3.01 13.57
N LEU C 127 7.16 -1.80 14.01
CA LEU C 127 7.75 -0.60 13.43
C LEU C 127 8.81 -0.02 14.36
N ARG C 128 9.78 0.68 13.76
CA ARG C 128 10.83 1.34 14.51
C ARG C 128 10.38 2.73 14.94
N SER C 129 10.84 3.15 16.12
CA SER C 129 10.41 4.42 16.69
C SER C 129 10.88 5.63 15.89
N THR C 130 11.84 5.46 14.98
CA THR C 130 12.32 6.53 14.14
C THR C 130 12.10 6.17 12.67
N THR C 131 11.82 7.17 11.86
CA THR C 131 11.62 6.94 10.43
C THR C 131 12.97 6.79 9.73
N ALA C 132 12.92 6.63 8.41
CA ALA C 132 14.13 6.47 7.63
C ALA C 132 14.98 7.74 7.66
N SER C 133 14.34 8.90 7.80
CA SER C 133 15.08 10.15 7.94
C SER C 133 15.69 10.32 9.33
N GLY C 134 15.24 9.55 10.31
CA GLY C 134 15.67 9.72 11.68
C GLY C 134 14.73 10.53 12.54
N ARG C 135 13.54 10.83 12.05
CA ARG C 135 12.56 11.61 12.81
C ARG C 135 11.79 10.69 13.74
N VAL C 136 11.68 11.10 15.00
CA VAL C 136 10.93 10.31 15.98
C VAL C 136 9.44 10.40 15.66
N ILE C 137 8.77 9.26 15.69
CA ILE C 137 7.31 9.22 15.70
C ILE C 137 6.89 9.29 17.16
N GLU C 138 6.34 10.44 17.55
CA GLU C 138 6.23 10.76 18.97
C GLU C 138 5.09 10.00 19.65
N GLU C 139 3.93 9.91 19.04
CA GLU C 139 2.74 9.39 19.71
C GLU C 139 2.36 8.04 19.12
N TRP C 140 2.27 7.04 19.97
CA TRP C 140 1.87 5.69 19.60
C TRP C 140 0.63 5.30 20.39
N CYS C 141 -0.03 4.24 19.94
CA CYS C 141 -1.24 3.74 20.59
C CYS C 141 -1.26 2.23 20.60
N CYS C 142 -2.34 1.71 21.19
CA CYS C 142 -2.61 0.28 21.26
C CYS C 142 -4.03 0.12 21.80
N ARG C 143 -4.66 -1.00 21.47
CA ARG C 143 -6.05 -1.19 21.83
C ARG C 143 -6.20 -1.74 23.24
N GLU C 144 -5.54 -2.86 23.54
CA GLU C 144 -5.68 -3.51 24.84
C GLU C 144 -4.34 -3.88 25.45
N CYS C 145 -3.25 -3.27 25.00
CA CYS C 145 -1.93 -3.59 25.52
C CYS C 145 -1.70 -2.91 26.86
N THR C 146 -0.93 -3.57 27.71
CA THR C 146 -0.62 -3.10 29.06
C THR C 146 0.71 -2.37 29.09
N MET C 147 0.79 -1.32 29.89
CA MET C 147 2.00 -0.54 30.12
C MET C 147 2.82 -1.14 31.25
N PRO C 148 4.17 -1.07 31.17
CA PRO C 148 4.96 -0.48 30.09
C PRO C 148 4.96 -1.32 28.82
N PRO C 149 5.12 -0.68 27.66
CA PRO C 149 4.91 -1.38 26.38
C PRO C 149 6.08 -2.27 25.99
N LEU C 150 5.75 -3.33 25.25
CA LEU C 150 6.76 -4.20 24.67
C LEU C 150 7.56 -3.43 23.63
N SER C 151 8.89 -3.52 23.71
CA SER C 151 9.75 -2.90 22.73
C SER C 151 10.95 -3.81 22.47
N PHE C 152 11.52 -3.68 21.28
CA PHE C 152 12.77 -4.33 20.92
C PHE C 152 13.85 -3.26 20.82
N ARG C 153 14.98 -3.48 21.50
CA ARG C 153 16.15 -2.61 21.38
C ARG C 153 17.13 -3.29 20.45
N ALA C 154 17.30 -2.74 19.25
CA ALA C 154 18.07 -3.36 18.18
C ALA C 154 19.29 -2.50 17.85
N LYS C 155 20.01 -2.90 16.80
CA LYS C 155 21.24 -2.20 16.43
C LYS C 155 20.96 -0.80 15.92
N ASP C 156 19.78 -0.56 15.32
CA ASP C 156 19.46 0.74 14.76
C ASP C 156 18.50 1.55 15.62
N GLY C 157 18.13 1.05 16.79
CA GLY C 157 17.26 1.80 17.68
C GLY C 157 16.16 1.00 18.35
N CYS C 158 15.03 1.65 18.60
CA CYS C 158 13.94 1.09 19.37
C CYS C 158 12.78 0.73 18.45
N TRP C 159 12.33 -0.52 18.53
CA TRP C 159 11.18 -0.99 17.79
C TRP C 159 10.06 -1.35 18.77
N TYR C 160 8.82 -1.18 18.34
CA TYR C 160 7.67 -1.44 19.19
C TYR C 160 7.02 -2.79 18.84
N GLY C 161 6.44 -3.42 19.86
CA GLY C 161 5.76 -4.69 19.65
C GLY C 161 4.62 -4.56 18.65
N MET C 162 4.21 -5.72 18.13
CA MET C 162 3.21 -5.75 17.07
C MET C 162 1.91 -5.05 17.45
N GLU C 163 1.60 -5.00 18.74
CA GLU C 163 0.34 -4.41 19.19
C GLU C 163 0.34 -2.89 19.19
N ILE C 164 1.50 -2.26 19.09
CA ILE C 164 1.66 -0.82 19.29
C ILE C 164 1.85 -0.15 17.94
N ARG C 165 1.00 0.82 17.63
CA ARG C 165 0.88 1.42 16.31
C ARG C 165 1.04 2.94 16.39
N PRO C 166 1.46 3.57 15.30
CA PRO C 166 1.47 5.04 15.26
C PRO C 166 0.06 5.61 15.36
N ARG C 167 -0.05 6.76 16.03
CA ARG C 167 -1.37 7.27 16.42
C ARG C 167 -2.14 7.83 15.24
N LYS C 168 -1.47 8.52 14.32
CA LYS C 168 -2.11 9.02 13.11
C LYS C 168 -1.33 8.63 11.86
N GLU D 101 3.01 -12.91 25.72
CA GLU D 101 4.39 -13.24 26.08
C GLU D 101 5.15 -13.72 24.84
N LEU D 102 5.98 -12.85 24.29
CA LEU D 102 6.70 -13.13 23.06
C LEU D 102 8.06 -13.75 23.35
N GLU D 103 8.46 -14.70 22.52
CA GLU D 103 9.71 -15.43 22.69
C GLU D 103 10.60 -15.18 21.48
N ILE D 104 11.87 -14.90 21.74
CA ILE D 104 12.89 -14.80 20.70
C ILE D 104 13.47 -16.19 20.46
N ARG D 105 13.46 -16.62 19.21
CA ARG D 105 13.97 -17.94 18.85
C ARG D 105 14.73 -17.86 17.54
N PHE D 106 15.93 -18.45 17.53
CA PHE D 106 16.76 -18.50 16.33
C PHE D 106 16.50 -19.81 15.60
N GLU D 107 15.42 -19.82 14.82
CA GLU D 107 15.07 -20.94 13.97
C GLU D 107 14.01 -20.47 12.98
N GLU D 108 14.03 -21.08 11.80
CA GLU D 108 13.08 -20.67 10.76
C GLU D 108 11.65 -20.85 11.23
N CYS D 109 10.78 -19.97 10.75
CA CYS D 109 9.36 -20.10 11.02
C CYS D 109 8.81 -21.32 10.26
N PRO D 110 7.85 -22.04 10.84
CA PRO D 110 7.35 -23.25 10.18
C PRO D 110 6.81 -22.96 8.78
N GLY D 111 7.22 -23.80 7.82
CA GLY D 111 6.77 -23.67 6.45
C GLY D 111 7.51 -22.66 5.61
N THR D 112 8.60 -22.08 6.12
CA THR D 112 9.32 -21.03 5.42
C THR D 112 10.77 -21.43 5.17
N LYS D 113 11.40 -20.72 4.25
CA LYS D 113 12.81 -20.91 3.90
C LYS D 113 13.47 -19.54 3.77
N VAL D 114 14.63 -19.37 4.39
CA VAL D 114 15.35 -18.10 4.38
C VAL D 114 16.60 -18.27 3.51
N HIS D 115 16.70 -17.45 2.46
CA HIS D 115 17.85 -17.44 1.56
C HIS D 115 18.75 -16.27 1.90
N VAL D 116 20.04 -16.53 2.08
CA VAL D 116 21.01 -15.45 2.22
C VAL D 116 21.37 -14.97 0.82
N GLU D 117 20.86 -13.79 0.44
CA GLU D 117 21.01 -13.27 -0.91
C GLU D 117 21.23 -11.77 -0.83
N GLU D 118 22.24 -11.27 -1.55
CA GLU D 118 22.47 -9.83 -1.55
C GLU D 118 21.46 -9.07 -2.40
N THR D 119 20.63 -9.76 -3.18
CA THR D 119 19.55 -9.11 -3.91
C THR D 119 18.28 -8.96 -3.08
N CYS D 120 18.33 -9.40 -1.82
CA CYS D 120 17.20 -9.22 -0.92
C CYS D 120 17.02 -7.75 -0.53
N GLY D 121 15.80 -7.39 -0.17
CA GLY D 121 15.52 -6.05 0.34
C GLY D 121 16.24 -5.76 1.65
N THR D 122 16.27 -4.49 2.00
CA THR D 122 16.97 -4.01 3.18
C THR D 122 16.07 -4.10 4.42
N ARG D 123 16.72 -4.01 5.58
CA ARG D 123 16.04 -4.16 6.87
C ARG D 123 14.79 -3.29 6.95
N GLY D 124 13.73 -3.86 7.53
CA GLY D 124 12.46 -3.19 7.62
C GLY D 124 11.57 -3.73 8.72
N PRO D 125 10.28 -3.37 8.68
CA PRO D 125 9.36 -3.82 9.74
C PRO D 125 9.27 -5.33 9.83
N SER D 126 9.12 -5.83 11.05
CA SER D 126 9.00 -7.26 11.27
C SER D 126 7.63 -7.75 10.80
N LEU D 127 7.64 -8.75 9.92
CA LEU D 127 6.43 -9.30 9.33
C LEU D 127 6.19 -10.71 9.84
N ARG D 128 4.93 -11.13 9.79
CA ARG D 128 4.56 -12.47 10.23
C ARG D 128 4.66 -13.45 9.06
N SER D 129 5.01 -14.69 9.39
CA SER D 129 5.17 -15.72 8.37
C SER D 129 3.86 -16.12 7.70
N THR D 130 2.71 -15.80 8.30
CA THR D 130 1.42 -16.14 7.73
C THR D 130 0.62 -14.87 7.45
N THR D 131 -0.22 -14.95 6.43
CA THR D 131 -1.11 -13.85 6.06
C THR D 131 -2.35 -13.86 6.94
N ALA D 132 -3.25 -12.90 6.70
CA ALA D 132 -4.47 -12.80 7.48
C ALA D 132 -5.37 -14.00 7.26
N SER D 133 -5.31 -14.63 6.09
CA SER D 133 -6.08 -15.84 5.83
C SER D 133 -5.47 -17.07 6.49
N GLY D 134 -4.27 -16.96 7.02
CA GLY D 134 -3.57 -18.11 7.59
C GLY D 134 -2.70 -18.86 6.61
N ARG D 135 -2.42 -18.28 5.45
CA ARG D 135 -1.56 -18.92 4.45
C ARG D 135 -0.10 -18.58 4.73
N VAL D 136 0.76 -19.58 4.60
CA VAL D 136 2.18 -19.40 4.86
C VAL D 136 2.81 -18.60 3.72
N ILE D 137 3.61 -17.61 4.08
CA ILE D 137 4.50 -16.94 3.14
C ILE D 137 5.80 -17.74 3.13
N GLU D 138 6.06 -18.44 2.02
CA GLU D 138 7.03 -19.53 2.05
C GLU D 138 8.46 -19.05 1.94
N GLU D 139 8.76 -18.11 1.04
CA GLU D 139 10.13 -17.79 0.69
C GLU D 139 10.52 -16.43 1.26
N TRP D 140 11.57 -16.44 2.08
CA TRP D 140 12.09 -15.26 2.75
C TRP D 140 13.56 -15.09 2.38
N CYS D 141 14.10 -13.92 2.67
CA CYS D 141 15.49 -13.63 2.34
C CYS D 141 16.08 -12.65 3.34
N CYS D 142 17.39 -12.49 3.23
CA CYS D 142 18.14 -11.53 4.02
C CYS D 142 19.46 -11.27 3.28
N ARG D 143 20.01 -10.08 3.48
CA ARG D 143 21.21 -9.71 2.73
C ARG D 143 22.46 -10.33 3.33
N GLU D 144 22.65 -10.19 4.65
CA GLU D 144 23.84 -10.74 5.29
C GLU D 144 23.54 -11.32 6.66
N CYS D 145 22.34 -11.84 6.87
CA CYS D 145 22.05 -12.44 8.17
C CYS D 145 22.64 -13.85 8.24
N THR D 146 22.84 -14.32 9.46
CA THR D 146 23.35 -15.66 9.72
C THR D 146 22.23 -16.63 10.04
N MET D 147 22.42 -17.88 9.62
CA MET D 147 21.46 -18.92 9.96
C MET D 147 21.84 -19.56 11.29
N PRO D 148 20.86 -19.97 12.11
CA PRO D 148 19.42 -19.88 11.90
C PRO D 148 18.87 -18.45 12.06
N PRO D 149 17.74 -18.15 11.43
CA PRO D 149 17.24 -16.78 11.42
C PRO D 149 16.56 -16.39 12.72
N LEU D 150 16.71 -15.11 13.07
CA LEU D 150 15.99 -14.54 14.20
C LEU D 150 14.49 -14.56 13.93
N SER D 151 13.73 -15.08 14.89
CA SER D 151 12.28 -15.11 14.77
C SER D 151 11.66 -14.78 16.13
N PHE D 152 10.40 -14.34 16.08
CA PHE D 152 9.60 -14.08 17.27
C PHE D 152 8.43 -15.04 17.28
N ARG D 153 8.29 -15.81 18.36
CA ARG D 153 7.16 -16.71 18.54
C ARG D 153 6.14 -15.98 19.39
N ALA D 154 5.06 -15.52 18.75
CA ALA D 154 4.04 -14.73 19.41
C ALA D 154 2.73 -15.51 19.49
N LYS D 155 1.70 -14.85 20.02
CA LYS D 155 0.42 -15.51 20.25
C LYS D 155 -0.27 -15.88 18.95
N ASP D 156 0.01 -15.16 17.86
CA ASP D 156 -0.66 -15.36 16.58
C ASP D 156 0.22 -16.06 15.56
N GLY D 157 1.39 -16.53 15.97
CA GLY D 157 2.27 -17.21 15.05
C GLY D 157 3.73 -16.84 15.16
N CYS D 158 4.46 -16.95 14.05
CA CYS D 158 5.89 -16.72 13.98
C CYS D 158 6.16 -15.47 13.16
N TRP D 159 6.98 -14.57 13.72
CA TRP D 159 7.39 -13.36 13.03
C TRP D 159 8.90 -13.37 12.83
N TYR D 160 9.36 -12.74 11.76
CA TYR D 160 10.78 -12.72 11.43
C TYR D 160 11.42 -11.42 11.87
N GLY D 161 12.69 -11.51 12.23
CA GLY D 161 13.46 -10.33 12.58
C GLY D 161 13.51 -9.33 11.43
N MET D 162 13.81 -8.08 11.80
CA MET D 162 13.76 -6.98 10.84
C MET D 162 14.69 -7.21 9.65
N GLU D 163 15.73 -8.02 9.80
CA GLU D 163 16.66 -8.27 8.70
C GLU D 163 16.08 -9.22 7.65
N ILE D 164 15.10 -10.04 8.02
CA ILE D 164 14.57 -11.08 7.14
C ILE D 164 13.30 -10.56 6.48
N ARG D 165 13.23 -10.67 5.16
CA ARG D 165 12.19 -10.06 4.34
C ARG D 165 11.62 -11.05 3.36
N PRO D 166 10.37 -10.85 2.92
CA PRO D 166 9.78 -11.73 1.91
C PRO D 166 10.57 -11.68 0.60
N ARG D 167 10.70 -12.85 -0.03
CA ARG D 167 11.54 -12.94 -1.22
C ARG D 167 10.86 -12.33 -2.44
N LYS D 168 9.54 -12.47 -2.56
CA LYS D 168 8.82 -11.90 -3.69
C LYS D 168 7.90 -10.77 -3.24
N GLU E 1 7.32 -25.47 0.29
CA GLU E 1 5.99 -25.45 -0.29
C GLU E 1 5.04 -26.32 0.52
N VAL E 2 4.01 -25.70 1.09
CA VAL E 2 3.02 -26.41 1.89
C VAL E 2 2.10 -27.18 0.95
N LYS E 3 1.97 -28.49 1.18
CA LYS E 3 1.20 -29.34 0.28
C LYS E 3 0.52 -30.44 1.07
N LEU E 4 -0.73 -30.71 0.72
CA LEU E 4 -1.51 -31.81 1.28
C LEU E 4 -1.86 -32.78 0.16
N GLN E 5 -1.77 -34.08 0.44
CA GLN E 5 -2.02 -35.09 -0.58
C GLN E 5 -2.73 -36.28 0.03
N GLU E 6 -3.93 -36.57 -0.45
CA GLU E 6 -4.70 -37.70 0.02
C GLU E 6 -4.23 -38.99 -0.66
N SER E 7 -4.44 -40.11 0.04
CA SER E 7 -4.21 -41.43 -0.52
C SER E 7 -5.07 -42.42 0.23
N GLY E 8 -5.37 -43.52 -0.45
CA GLY E 8 -6.16 -44.58 0.14
C GLY E 8 -6.66 -45.55 -0.91
N PRO E 9 -7.51 -46.48 -0.51
CA PRO E 9 -8.12 -47.38 -1.50
C PRO E 9 -9.16 -46.64 -2.33
N GLY E 10 -9.26 -47.02 -3.60
CA GLY E 10 -10.32 -46.47 -4.42
C GLY E 10 -11.66 -47.13 -4.19
N LEU E 11 -11.66 -48.33 -3.61
CA LEU E 11 -12.85 -49.15 -3.53
C LEU E 11 -12.83 -49.97 -2.25
N VAL E 12 -13.96 -50.02 -1.56
CA VAL E 12 -14.08 -50.73 -0.29
C VAL E 12 -15.46 -51.38 -0.24
N ARG E 13 -15.51 -52.64 0.16
CA ARG E 13 -16.78 -53.35 0.26
C ARG E 13 -17.59 -52.81 1.43
N PRO E 14 -18.92 -52.85 1.33
CA PRO E 14 -19.76 -52.37 2.44
C PRO E 14 -19.46 -53.13 3.73
N SER E 15 -19.66 -52.44 4.85
CA SER E 15 -19.43 -52.92 6.21
C SER E 15 -17.95 -53.11 6.54
N GLN E 16 -17.04 -52.80 5.62
CA GLN E 16 -15.62 -52.88 5.90
C GLN E 16 -15.14 -51.58 6.52
N SER E 17 -13.94 -51.62 7.09
CA SER E 17 -13.33 -50.43 7.64
C SER E 17 -12.67 -49.61 6.54
N LEU E 18 -12.58 -48.30 6.77
CA LEU E 18 -11.94 -47.38 5.83
C LEU E 18 -10.90 -46.54 6.58
N SER E 19 -9.75 -46.34 5.92
CA SER E 19 -8.73 -45.43 6.43
C SER E 19 -8.11 -44.70 5.24
N LEU E 20 -8.11 -43.37 5.30
CA LEU E 20 -7.47 -42.55 4.28
C LEU E 20 -6.34 -41.75 4.91
N THR E 21 -5.32 -41.47 4.10
CA THR E 21 -4.13 -40.77 4.54
C THR E 21 -4.02 -39.43 3.82
N CYS E 22 -3.76 -38.37 4.57
CA CYS E 22 -3.33 -37.09 4.03
C CYS E 22 -1.87 -36.87 4.40
N SER E 23 -1.01 -36.83 3.40
CA SER E 23 0.41 -36.58 3.63
C SER E 23 0.67 -35.08 3.53
N VAL E 24 1.12 -34.48 4.63
CA VAL E 24 1.41 -33.05 4.65
C VAL E 24 2.90 -32.87 4.39
N THR E 25 3.23 -31.98 3.45
CA THR E 25 4.59 -31.76 3.00
C THR E 25 4.92 -30.27 3.12
N GLY E 26 6.10 -29.97 3.67
CA GLY E 26 6.54 -28.60 3.79
C GLY E 26 6.09 -27.88 5.04
N TYR E 27 5.51 -28.58 6.00
CA TYR E 27 5.03 -27.98 7.23
C TYR E 27 4.79 -29.07 8.25
N SER E 28 5.21 -28.84 9.49
CA SER E 28 5.02 -29.82 10.56
C SER E 28 3.58 -29.76 11.07
N ILE E 29 2.95 -30.93 11.17
CA ILE E 29 1.54 -30.99 11.56
C ILE E 29 1.37 -30.72 13.04
N THR E 30 2.48 -30.49 13.74
CA THR E 30 2.44 -30.25 15.18
C THR E 30 2.40 -28.77 15.54
N SER E 31 2.28 -27.87 14.56
CA SER E 31 2.14 -26.46 14.87
C SER E 31 1.12 -25.82 13.93
N GLY E 32 0.47 -24.77 14.42
CA GLY E 32 -0.28 -23.86 13.58
C GLY E 32 -1.68 -24.24 13.17
N TYR E 33 -1.84 -25.36 12.47
CA TYR E 33 -3.05 -25.59 11.70
C TYR E 33 -3.96 -26.62 12.37
N TYR E 34 -5.23 -26.56 12.01
CA TYR E 34 -6.20 -27.60 12.29
C TYR E 34 -6.38 -28.43 11.02
N TRP E 35 -6.26 -29.74 11.15
CA TRP E 35 -6.17 -30.63 10.00
C TRP E 35 -7.51 -31.34 9.82
N ASN E 36 -8.23 -30.96 8.76
CA ASN E 36 -9.62 -31.32 8.59
C ASN E 36 -9.80 -32.38 7.51
N TRP E 37 -10.93 -33.10 7.60
CA TRP E 37 -11.39 -33.99 6.54
C TRP E 37 -12.76 -33.51 6.08
N ILE E 38 -12.92 -33.34 4.77
CA ILE E 38 -14.17 -32.91 4.16
C ILE E 38 -14.42 -33.80 2.95
N ARG E 39 -15.68 -34.19 2.75
CA ARG E 39 -16.03 -35.04 1.62
C ARG E 39 -17.13 -34.40 0.78
N GLN E 40 -17.10 -34.70 -0.52
CA GLN E 40 -18.04 -34.19 -1.49
C GLN E 40 -18.78 -35.35 -2.11
N PHE E 41 -20.10 -35.37 -1.96
CA PHE E 41 -20.93 -36.45 -2.49
C PHE E 41 -21.16 -36.23 -3.99
N PRO E 42 -21.67 -37.24 -4.69
CA PRO E 42 -21.95 -37.06 -6.13
C PRO E 42 -22.85 -35.87 -6.45
N GLY E 43 -23.78 -35.54 -5.55
CA GLY E 43 -24.62 -34.37 -5.74
C GLY E 43 -23.90 -33.04 -5.61
N ASN E 44 -22.60 -33.05 -5.30
CA ASN E 44 -21.69 -31.93 -5.07
C ASN E 44 -21.83 -31.33 -3.68
N LYS E 45 -22.68 -31.87 -2.81
CA LYS E 45 -22.78 -31.35 -1.45
C LYS E 45 -21.53 -31.70 -0.66
N LEU E 46 -21.05 -30.72 0.12
CA LEU E 46 -19.85 -30.88 0.93
C LEU E 46 -20.23 -31.10 2.39
N GLU E 47 -19.51 -31.99 3.06
CA GLU E 47 -19.73 -32.28 4.47
C GLU E 47 -18.40 -32.26 5.21
N TRP E 48 -18.29 -31.37 6.20
CA TRP E 48 -17.14 -31.36 7.09
C TRP E 48 -17.26 -32.53 8.07
N MET E 49 -16.24 -33.39 8.11
CA MET E 49 -16.26 -34.58 8.93
C MET E 49 -15.60 -34.39 10.30
N GLY E 50 -14.54 -33.60 10.37
CA GLY E 50 -13.86 -33.37 11.63
C GLY E 50 -12.46 -32.85 11.40
N TYR E 51 -11.76 -32.60 12.50
CA TYR E 51 -10.38 -32.19 12.45
C TYR E 51 -9.60 -32.79 13.60
N ILE E 52 -8.27 -32.66 13.51
CA ILE E 52 -7.36 -32.86 14.63
C ILE E 52 -6.39 -31.70 14.63
N SER E 53 -6.14 -31.14 15.82
CA SER E 53 -5.39 -29.89 15.91
C SER E 53 -3.88 -30.15 15.87
N TYR E 54 -3.13 -29.04 15.85
CA TYR E 54 -1.67 -29.14 15.90
C TYR E 54 -1.22 -29.84 17.18
N ASP E 55 -1.92 -29.62 18.28
CA ASP E 55 -1.58 -30.22 19.56
C ASP E 55 -2.50 -31.40 19.91
N GLY E 56 -3.02 -32.09 18.91
CA GLY E 56 -3.62 -33.39 19.12
C GLY E 56 -5.01 -33.42 19.71
N ARG E 57 -5.81 -32.38 19.51
CA ARG E 57 -7.21 -32.39 19.93
C ARG E 57 -8.10 -32.61 18.72
N SER E 58 -9.04 -33.53 18.84
CA SER E 58 -9.94 -33.89 17.75
C SER E 58 -11.33 -33.34 18.00
N ASN E 59 -12.09 -33.22 16.91
CA ASN E 59 -13.47 -32.76 16.98
C ASN E 59 -14.20 -33.26 15.74
N TYR E 60 -15.33 -33.94 15.94
CA TYR E 60 -16.01 -34.64 14.87
C TYR E 60 -17.41 -34.08 14.63
N ASN E 61 -17.87 -34.20 13.39
CA ASN E 61 -19.25 -33.88 13.07
C ASN E 61 -20.17 -34.85 13.80
N PRO E 62 -21.16 -34.36 14.54
CA PRO E 62 -22.06 -35.28 15.28
C PRO E 62 -22.74 -36.31 14.41
N SER E 63 -22.91 -36.04 13.10
CA SER E 63 -23.46 -37.04 12.20
C SER E 63 -22.56 -38.26 12.06
N LEU E 64 -21.32 -38.20 12.53
CA LEU E 64 -20.37 -39.30 12.36
C LEU E 64 -19.75 -39.78 13.66
N LYS E 65 -20.14 -39.25 14.81
CA LYS E 65 -19.44 -39.59 16.05
C LYS E 65 -19.90 -40.94 16.60
N ASN E 66 -19.97 -41.94 15.73
CA ASN E 66 -20.12 -43.33 16.13
C ASN E 66 -19.19 -44.25 15.36
N ARG E 67 -18.58 -43.77 14.27
CA ARG E 67 -17.69 -44.57 13.45
C ARG E 67 -16.40 -43.85 13.10
N ILE E 68 -16.25 -42.58 13.43
CA ILE E 68 -15.14 -41.77 12.94
C ILE E 68 -14.07 -41.64 14.00
N SER E 69 -12.81 -41.69 13.56
CA SER E 69 -11.67 -41.24 14.32
C SER E 69 -10.74 -40.51 13.36
N ILE E 70 -10.09 -39.46 13.87
CA ILE E 70 -9.05 -38.77 13.12
C ILE E 70 -7.76 -38.88 13.92
N THR E 71 -6.79 -39.59 13.37
CA THR E 71 -5.54 -39.89 14.03
C THR E 71 -4.39 -39.21 13.29
N ARG E 72 -3.23 -39.17 13.92
CA ARG E 72 -2.07 -38.56 13.31
C ARG E 72 -0.83 -39.41 13.57
N ASP E 73 0.12 -39.30 12.65
CA ASP E 73 1.46 -39.89 12.79
C ASP E 73 2.41 -38.70 12.72
N THR E 74 2.77 -38.15 13.89
CA THR E 74 3.67 -37.00 13.92
C THR E 74 5.02 -37.32 13.31
N SER E 75 5.46 -38.58 13.40
CA SER E 75 6.75 -38.95 12.83
C SER E 75 6.73 -38.88 11.30
N LYS E 76 5.68 -39.43 10.68
CA LYS E 76 5.54 -39.40 9.24
C LYS E 76 4.87 -38.13 8.73
N ASN E 77 4.44 -37.24 9.63
CA ASN E 77 3.78 -35.98 9.26
C ASN E 77 2.53 -36.23 8.42
N GLN E 78 1.70 -37.16 8.88
CA GLN E 78 0.45 -37.49 8.24
C GLN E 78 -0.67 -37.49 9.27
N PHE E 79 -1.90 -37.23 8.81
CA PHE E 79 -3.08 -37.49 9.60
C PHE E 79 -4.08 -38.28 8.77
N PHE E 80 -5.02 -38.93 9.45
CA PHE E 80 -5.80 -40.00 8.86
C PHE E 80 -7.27 -39.84 9.20
N LEU E 81 -8.13 -40.20 8.24
CA LEU E 81 -9.55 -40.40 8.48
C LEU E 81 -9.79 -41.89 8.67
N LYS E 82 -10.36 -42.26 9.82
CA LYS E 82 -10.70 -43.64 10.12
C LYS E 82 -12.21 -43.76 10.27
N LEU E 83 -12.81 -44.68 9.52
CA LEU E 83 -14.22 -45.01 9.65
C LEU E 83 -14.33 -46.49 9.96
N ASN E 84 -15.02 -46.82 11.06
CA ASN E 84 -15.06 -48.21 11.52
C ASN E 84 -15.82 -49.09 10.53
N PHE E 85 -16.89 -48.56 9.95
CA PHE E 85 -17.64 -49.26 8.92
C PHE E 85 -18.17 -48.25 7.92
N VAL E 86 -18.35 -48.69 6.67
CA VAL E 86 -18.87 -47.85 5.62
C VAL E 86 -20.04 -48.53 4.94
N THR E 87 -20.99 -47.72 4.47
CA THR E 87 -22.07 -48.16 3.60
C THR E 87 -21.87 -47.54 2.22
N THR E 88 -22.77 -47.89 1.30
CA THR E 88 -22.68 -47.33 -0.05
C THR E 88 -22.88 -45.82 -0.06
N GLU E 89 -23.51 -45.26 0.97
CA GLU E 89 -23.71 -43.82 1.05
C GLU E 89 -22.43 -43.05 1.38
N ASP E 90 -21.34 -43.75 1.69
CA ASP E 90 -20.05 -43.12 1.91
C ASP E 90 -19.24 -42.98 0.62
N THR E 91 -19.81 -43.36 -0.52
CA THR E 91 -19.18 -43.12 -1.82
C THR E 91 -19.13 -41.62 -2.07
N ALA E 92 -17.91 -41.06 -2.06
CA ALA E 92 -17.73 -39.62 -2.21
C ALA E 92 -16.27 -39.36 -2.57
N THR E 93 -15.97 -38.10 -2.82
CA THR E 93 -14.59 -37.64 -2.98
C THR E 93 -14.14 -37.03 -1.65
N TYR E 94 -13.01 -37.50 -1.14
CA TYR E 94 -12.56 -37.15 0.19
C TYR E 94 -11.36 -36.21 0.10
N TYR E 95 -11.45 -35.08 0.79
CA TYR E 95 -10.44 -34.03 0.77
C TYR E 95 -9.86 -33.86 2.17
N CYS E 96 -8.56 -33.62 2.26
CA CYS E 96 -8.01 -33.07 3.48
C CYS E 96 -7.76 -31.59 3.28
N ALA E 97 -7.84 -30.84 4.38
CA ALA E 97 -7.82 -29.38 4.33
C ALA E 97 -7.41 -28.87 5.70
N SER E 98 -6.85 -27.67 5.73
CA SER E 98 -6.34 -27.08 6.95
C SER E 98 -6.75 -25.62 7.04
N PHE E 99 -6.94 -25.15 8.28
CA PHE E 99 -7.08 -23.73 8.55
C PHE E 99 -6.16 -23.35 9.71
N TYR E 100 -5.73 -22.10 9.71
CA TYR E 100 -4.80 -21.60 10.72
C TYR E 100 -5.56 -21.19 11.98
N TYR E 101 -4.93 -21.43 13.14
CA TYR E 101 -5.66 -21.35 14.40
C TYR E 101 -6.08 -19.93 14.74
N TYR E 102 -5.23 -18.94 14.45
CA TYR E 102 -5.47 -17.57 14.90
C TYR E 102 -6.10 -16.72 13.81
N THR E 103 -6.98 -17.29 12.99
CA THR E 103 -7.62 -16.54 11.93
C THR E 103 -9.13 -16.73 11.98
N SER E 104 -9.84 -16.24 10.96
CA SER E 104 -11.26 -16.52 10.79
C SER E 104 -11.53 -17.95 10.33
N ARG E 105 -10.46 -18.74 10.33
CA ARG E 105 -10.42 -20.16 10.03
C ARG E 105 -10.94 -20.52 8.63
N PRO E 106 -10.52 -19.85 7.56
CA PRO E 106 -10.85 -20.36 6.22
C PRO E 106 -9.91 -21.48 5.81
N LEU E 107 -10.43 -22.39 5.00
CA LEU E 107 -9.67 -23.56 4.57
C LEU E 107 -8.76 -23.14 3.42
N VAL E 108 -7.53 -22.77 3.77
CA VAL E 108 -6.62 -22.17 2.80
C VAL E 108 -5.87 -23.23 2.00
N TYR E 109 -5.68 -24.42 2.55
CA TYR E 109 -4.97 -25.49 1.89
C TYR E 109 -5.91 -26.68 1.69
N TRP E 110 -5.88 -27.26 0.50
CA TRP E 110 -6.63 -28.47 0.19
C TRP E 110 -5.72 -29.46 -0.53
N GLY E 111 -6.02 -30.74 -0.37
CA GLY E 111 -5.39 -31.77 -1.17
C GLY E 111 -6.11 -31.92 -2.51
N GLN E 112 -5.56 -32.80 -3.34
CA GLN E 112 -6.17 -33.03 -4.65
C GLN E 112 -7.48 -33.81 -4.55
N GLY E 113 -7.73 -34.48 -3.44
CA GLY E 113 -8.92 -35.28 -3.28
C GLY E 113 -8.74 -36.71 -3.73
N THR E 114 -9.35 -37.65 -3.02
CA THR E 114 -9.31 -39.06 -3.38
C THR E 114 -10.73 -39.58 -3.52
N LEU E 115 -11.01 -40.23 -4.65
CA LEU E 115 -12.34 -40.76 -4.91
C LEU E 115 -12.47 -42.13 -4.27
N LEU E 116 -13.58 -42.35 -3.57
CA LEU E 116 -13.82 -43.62 -2.90
C LEU E 116 -15.18 -44.16 -3.32
N THR E 117 -15.21 -45.41 -3.75
CA THR E 117 -16.43 -46.12 -4.07
C THR E 117 -16.64 -47.24 -3.05
N VAL E 118 -17.85 -47.32 -2.49
CA VAL E 118 -18.23 -48.40 -1.59
C VAL E 118 -19.27 -49.24 -2.32
N SER E 119 -18.87 -50.44 -2.75
CA SER E 119 -19.78 -51.33 -3.46
C SER E 119 -19.34 -52.77 -3.25
N SER E 120 -20.32 -53.66 -3.25
CA SER E 120 -20.08 -55.10 -3.15
C SER E 120 -19.97 -55.77 -4.51
N ALA E 121 -19.97 -54.98 -5.59
CA ALA E 121 -19.88 -55.53 -6.93
C ALA E 121 -18.48 -56.09 -7.20
N SER E 122 -18.45 -57.18 -7.96
CA SER E 122 -17.18 -57.79 -8.36
C SER E 122 -16.67 -57.13 -9.62
N THR E 123 -15.33 -57.09 -9.74
CA THR E 123 -14.71 -56.53 -10.92
C THR E 123 -15.16 -57.28 -12.17
N LYS E 124 -15.69 -56.54 -13.14
CA LYS E 124 -16.22 -57.14 -14.36
C LYS E 124 -15.93 -56.23 -15.54
N GLY E 125 -15.53 -56.84 -16.66
CA GLY E 125 -15.27 -56.12 -17.88
C GLY E 125 -16.55 -55.74 -18.60
N PRO E 126 -16.45 -54.79 -19.52
CA PRO E 126 -17.65 -54.29 -20.21
C PRO E 126 -17.97 -55.04 -21.49
N SER E 127 -19.25 -55.02 -21.82
CA SER E 127 -19.74 -55.45 -23.14
C SER E 127 -19.91 -54.22 -24.01
N VAL E 128 -19.31 -54.25 -25.20
CA VAL E 128 -19.33 -53.11 -26.11
C VAL E 128 -20.25 -53.44 -27.27
N PHE E 129 -21.33 -52.67 -27.41
CA PHE E 129 -22.34 -52.82 -28.45
C PHE E 129 -22.36 -51.59 -29.35
N PRO E 130 -22.67 -51.77 -30.63
CA PRO E 130 -22.67 -50.63 -31.56
C PRO E 130 -23.97 -49.84 -31.53
N LEU E 131 -23.85 -48.54 -31.74
CA LEU E 131 -24.98 -47.62 -31.90
C LEU E 131 -24.90 -47.08 -33.33
N ALA E 132 -25.60 -47.79 -34.28
CA ALA E 132 -25.53 -47.50 -35.70
C ALA E 132 -26.64 -46.55 -36.13
N PRO E 133 -26.40 -45.73 -37.15
CA PRO E 133 -27.41 -44.81 -37.65
C PRO E 133 -28.25 -45.45 -38.76
N SER E 134 -29.34 -44.76 -39.10
CA SER E 134 -30.19 -45.18 -40.21
C SER E 134 -31.11 -44.02 -40.57
N SER E 135 -31.09 -43.62 -41.84
CA SER E 135 -31.90 -42.50 -42.31
C SER E 135 -33.39 -42.70 -41.98
N GLY E 140 -29.72 -38.63 -44.47
CA GLY E 140 -28.81 -37.63 -45.00
C GLY E 140 -28.49 -36.53 -44.02
N GLY E 141 -27.57 -35.65 -44.40
CA GLY E 141 -27.18 -34.53 -43.56
C GLY E 141 -26.00 -34.90 -42.67
N THR E 142 -26.21 -34.87 -41.36
CA THR E 142 -25.24 -35.32 -40.37
C THR E 142 -25.83 -36.49 -39.59
N ALA E 143 -25.06 -37.56 -39.48
CA ALA E 143 -25.52 -38.78 -38.84
C ALA E 143 -24.76 -39.02 -37.53
N ALA E 144 -25.43 -39.69 -36.60
CA ALA E 144 -24.88 -39.96 -35.28
C ALA E 144 -24.67 -41.46 -35.12
N LEU E 145 -23.47 -41.84 -34.69
CA LEU E 145 -23.17 -43.22 -34.33
C LEU E 145 -22.34 -43.22 -33.06
N GLY E 146 -22.28 -44.38 -32.42
CA GLY E 146 -21.52 -44.48 -31.20
C GLY E 146 -21.38 -45.90 -30.71
N CYS E 147 -20.85 -46.03 -29.49
CA CYS E 147 -20.66 -47.31 -28.82
C CYS E 147 -21.29 -47.25 -27.44
N LEU E 148 -21.95 -48.34 -27.05
CA LEU E 148 -22.56 -48.47 -25.74
C LEU E 148 -21.73 -49.42 -24.89
N VAL E 149 -21.17 -48.90 -23.81
CA VAL E 149 -20.28 -49.65 -22.93
C VAL E 149 -21.07 -50.00 -21.69
N LYS E 150 -21.50 -51.26 -21.59
CA LYS E 150 -22.48 -51.66 -20.59
C LYS E 150 -21.93 -52.75 -19.67
N ASP E 151 -22.40 -52.71 -18.42
CA ASP E 151 -22.20 -53.78 -17.43
C ASP E 151 -20.71 -54.01 -17.15
N TYR E 152 -20.09 -52.98 -16.58
CA TYR E 152 -18.71 -53.06 -16.13
C TYR E 152 -18.58 -52.51 -14.72
N PHE E 153 -17.48 -52.89 -14.06
CA PHE E 153 -17.17 -52.43 -12.71
C PHE E 153 -15.70 -52.70 -12.43
N PRO E 154 -14.98 -51.77 -11.78
CA PRO E 154 -15.49 -50.46 -11.38
C PRO E 154 -15.12 -49.38 -12.40
N GLU E 155 -15.36 -48.13 -12.05
CA GLU E 155 -14.89 -47.03 -12.88
C GLU E 155 -13.36 -46.97 -12.83
N PRO E 156 -12.73 -46.35 -13.85
CA PRO E 156 -13.35 -45.73 -15.02
C PRO E 156 -13.22 -46.55 -16.30
N VAL E 157 -13.70 -45.98 -17.40
CA VAL E 157 -13.55 -46.54 -18.74
C VAL E 157 -13.03 -45.44 -19.64
N THR E 158 -12.09 -45.78 -20.52
CA THR E 158 -11.53 -44.86 -21.48
C THR E 158 -12.02 -45.22 -22.88
N VAL E 159 -12.53 -44.23 -23.61
CA VAL E 159 -13.05 -44.44 -24.96
C VAL E 159 -12.37 -43.43 -25.90
N SER E 160 -11.89 -43.92 -27.03
CA SER E 160 -11.38 -43.09 -28.11
C SER E 160 -12.07 -43.50 -29.40
N TRP E 161 -11.86 -42.72 -30.46
CA TRP E 161 -12.41 -43.05 -31.76
C TRP E 161 -11.28 -42.99 -32.78
N ASN E 162 -11.19 -44.06 -33.60
CA ASN E 162 -10.13 -44.16 -34.60
C ASN E 162 -8.75 -44.04 -33.98
N SER E 163 -8.59 -44.60 -32.78
CA SER E 163 -7.34 -44.53 -32.01
C SER E 163 -6.87 -43.08 -31.85
N GLY E 164 -7.80 -42.20 -31.52
CA GLY E 164 -7.48 -40.80 -31.28
C GLY E 164 -7.45 -39.92 -32.50
N ALA E 165 -7.64 -40.48 -33.69
CA ALA E 165 -7.67 -39.67 -34.90
C ALA E 165 -8.98 -38.92 -35.06
N LEU E 166 -10.06 -39.39 -34.45
CA LEU E 166 -11.37 -38.76 -34.53
C LEU E 166 -11.60 -38.02 -33.22
N THR E 167 -11.43 -36.69 -33.26
CA THR E 167 -11.54 -35.84 -32.09
C THR E 167 -12.79 -34.97 -32.08
N SER E 168 -13.15 -34.40 -33.22
CA SER E 168 -14.22 -33.43 -33.28
C SER E 168 -15.60 -34.10 -33.25
N GLY E 169 -16.52 -33.47 -32.53
CA GLY E 169 -17.89 -33.95 -32.48
C GLY E 169 -18.12 -35.17 -31.63
N VAL E 170 -17.17 -35.55 -30.79
CA VAL E 170 -17.30 -36.73 -29.94
C VAL E 170 -17.84 -36.31 -28.58
N HIS E 171 -18.79 -37.09 -28.06
CA HIS E 171 -19.37 -36.87 -26.75
C HIS E 171 -19.40 -38.20 -26.01
N THR E 172 -18.54 -38.33 -25.00
CA THR E 172 -18.53 -39.49 -24.12
C THR E 172 -19.18 -39.09 -22.80
N PHE E 173 -20.23 -39.79 -22.42
CA PHE E 173 -21.09 -39.34 -21.34
C PHE E 173 -20.65 -39.91 -20.00
N PRO E 174 -20.98 -39.22 -18.92
CA PRO E 174 -20.75 -39.79 -17.59
C PRO E 174 -21.49 -41.11 -17.42
N ALA E 175 -20.81 -42.08 -16.82
CA ALA E 175 -21.42 -43.37 -16.58
C ALA E 175 -22.60 -43.23 -15.63
N VAL E 176 -23.50 -44.20 -15.68
CA VAL E 176 -24.65 -44.27 -14.80
C VAL E 176 -24.58 -45.58 -14.03
N LEU E 177 -24.96 -45.53 -12.76
CA LEU E 177 -24.93 -46.72 -11.91
C LEU E 177 -26.28 -47.44 -12.02
N GLN E 178 -26.28 -48.58 -12.70
CA GLN E 178 -27.48 -49.37 -12.84
C GLN E 178 -27.82 -50.08 -11.54
N SER E 179 -29.10 -50.39 -11.37
CA SER E 179 -29.56 -51.08 -10.15
C SER E 179 -28.83 -52.40 -9.91
N SER E 180 -28.20 -52.95 -10.95
CA SER E 180 -27.43 -54.18 -10.78
C SER E 180 -26.12 -53.95 -10.02
N GLY E 181 -25.68 -52.70 -9.90
CA GLY E 181 -24.38 -52.41 -9.32
C GLY E 181 -23.27 -52.23 -10.33
N LEU E 182 -23.57 -52.41 -11.61
CA LEU E 182 -22.60 -52.22 -12.68
C LEU E 182 -22.82 -50.85 -13.34
N TYR E 183 -21.75 -50.34 -13.96
CA TYR E 183 -21.78 -49.06 -14.64
C TYR E 183 -22.06 -49.24 -16.12
N SER E 184 -22.57 -48.17 -16.75
CA SER E 184 -22.91 -48.18 -18.16
C SER E 184 -22.85 -46.76 -18.69
N LEU E 185 -22.02 -46.54 -19.70
CA LEU E 185 -21.95 -45.25 -20.39
C LEU E 185 -21.99 -45.48 -21.89
N SER E 186 -22.22 -44.39 -22.61
CA SER E 186 -22.23 -44.38 -24.06
C SER E 186 -21.35 -43.27 -24.59
N SER E 187 -20.67 -43.52 -25.70
CA SER E 187 -19.86 -42.53 -26.40
C SER E 187 -20.38 -42.39 -27.81
N VAL E 188 -20.58 -41.15 -28.26
CA VAL E 188 -21.19 -40.87 -29.54
C VAL E 188 -20.31 -39.89 -30.32
N VAL E 189 -20.57 -39.81 -31.62
CA VAL E 189 -19.89 -38.86 -32.50
C VAL E 189 -20.78 -38.60 -33.71
N THR E 190 -20.92 -37.33 -34.06
CA THR E 190 -21.66 -36.92 -35.26
C THR E 190 -20.68 -36.74 -36.41
N VAL E 191 -21.16 -36.98 -37.62
CA VAL E 191 -20.26 -37.17 -38.76
C VAL E 191 -21.05 -36.97 -40.05
N PRO E 192 -20.42 -36.51 -41.13
CA PRO E 192 -21.17 -36.28 -42.36
C PRO E 192 -21.78 -37.57 -42.89
N SER E 193 -23.03 -37.47 -43.36
CA SER E 193 -23.72 -38.60 -43.96
C SER E 193 -23.21 -38.92 -45.35
N SER E 194 -22.08 -38.33 -45.72
CA SER E 194 -21.37 -38.72 -46.92
C SER E 194 -20.42 -39.88 -46.67
N SER E 195 -20.14 -40.22 -45.40
CA SER E 195 -18.90 -40.90 -45.05
C SER E 195 -19.11 -42.34 -44.56
N LEU E 196 -20.29 -42.92 -44.77
CA LEU E 196 -20.68 -44.15 -44.08
C LEU E 196 -20.38 -45.43 -44.86
N GLN E 199 -15.38 -44.34 -45.36
CA GLN E 199 -14.70 -44.14 -44.09
C GLN E 199 -15.26 -45.09 -43.02
N THR E 200 -14.38 -45.74 -42.26
CA THR E 200 -14.76 -46.72 -41.26
C THR E 200 -14.52 -46.16 -39.87
N TYR E 201 -15.45 -46.44 -38.95
CA TYR E 201 -15.47 -45.85 -37.62
C TYR E 201 -15.30 -46.93 -36.56
N ILE E 202 -14.23 -46.80 -35.77
CA ILE E 202 -13.87 -47.76 -34.74
C ILE E 202 -13.82 -47.04 -33.41
N CYS E 203 -14.35 -47.66 -32.36
CA CYS E 203 -14.28 -47.14 -31.02
C CYS E 203 -13.38 -48.03 -30.17
N ASN E 204 -12.50 -47.39 -29.39
CA ASN E 204 -11.48 -48.09 -28.61
C ASN E 204 -11.83 -47.98 -27.13
N VAL E 205 -12.31 -49.09 -26.56
CA VAL E 205 -12.69 -49.16 -25.16
C VAL E 205 -11.60 -49.87 -24.40
N ASN E 206 -11.19 -49.31 -23.27
CA ASN E 206 -10.26 -49.99 -22.38
C ASN E 206 -10.71 -49.81 -20.94
N HIS E 207 -10.88 -50.93 -20.24
CA HIS E 207 -11.23 -50.99 -18.82
C HIS E 207 -10.10 -51.74 -18.14
N LYS E 208 -9.12 -50.99 -17.64
CA LYS E 208 -7.91 -51.59 -17.09
C LYS E 208 -8.13 -52.42 -15.83
N PRO E 209 -9.07 -52.11 -14.94
CA PRO E 209 -9.34 -53.01 -13.81
C PRO E 209 -9.69 -54.44 -14.22
N SER E 210 -10.09 -54.63 -15.47
CA SER E 210 -10.41 -55.96 -15.98
C SER E 210 -9.55 -56.36 -17.18
N ASN E 211 -8.58 -55.54 -17.58
CA ASN E 211 -7.68 -55.88 -18.69
C ASN E 211 -8.44 -56.15 -19.98
N THR E 212 -9.48 -55.35 -20.25
CA THR E 212 -10.31 -55.50 -21.43
C THR E 212 -10.03 -54.35 -22.40
N LYS E 213 -9.47 -54.68 -23.56
CA LYS E 213 -9.26 -53.72 -24.65
C LYS E 213 -10.08 -54.20 -25.83
N VAL E 214 -11.11 -53.45 -26.19
CA VAL E 214 -12.07 -53.85 -27.22
C VAL E 214 -12.10 -52.81 -28.32
N ASP E 215 -12.14 -53.27 -29.57
CA ASP E 215 -12.41 -52.42 -30.73
C ASP E 215 -13.69 -52.92 -31.38
N LYS E 216 -14.70 -52.07 -31.42
CA LYS E 216 -16.00 -52.41 -31.99
C LYS E 216 -16.34 -51.40 -33.08
N LYS E 217 -16.23 -51.82 -34.35
CA LYS E 217 -16.47 -50.91 -35.45
C LYS E 217 -17.96 -50.85 -35.75
N VAL E 218 -18.45 -49.62 -35.90
CA VAL E 218 -19.88 -49.34 -36.01
C VAL E 218 -20.17 -48.94 -37.46
N GLU E 219 -21.01 -49.72 -38.13
CA GLU E 219 -21.46 -49.47 -39.48
C GLU E 219 -22.97 -49.65 -39.52
N PRO E 220 -23.67 -48.99 -40.44
CA PRO E 220 -25.14 -49.10 -40.48
C PRO E 220 -25.59 -50.48 -40.94
N LYS E 221 -26.84 -50.79 -40.62
CA LYS E 221 -27.43 -52.07 -40.99
C LYS E 221 -28.77 -51.86 -41.68
N GLU F 1 -26.99 -27.48 14.22
CA GLU F 1 -26.15 -27.23 13.06
C GLU F 1 -26.61 -26.00 12.28
N ILE F 2 -25.67 -25.11 11.97
CA ILE F 2 -25.96 -23.93 11.16
C ILE F 2 -26.12 -24.36 9.71
N VAL F 3 -27.29 -24.12 9.14
CA VAL F 3 -27.59 -24.49 7.76
C VAL F 3 -27.38 -23.27 6.87
N LEU F 4 -26.65 -23.45 5.78
CA LEU F 4 -26.42 -22.40 4.80
C LEU F 4 -27.25 -22.68 3.56
N THR F 5 -27.93 -21.65 3.05
CA THR F 5 -28.77 -21.77 1.87
C THR F 5 -28.22 -20.84 0.79
N GLN F 6 -27.92 -21.40 -0.38
CA GLN F 6 -27.39 -20.64 -1.49
C GLN F 6 -28.48 -20.37 -2.51
N SER F 7 -28.31 -19.27 -3.26
CA SER F 7 -29.26 -18.87 -4.27
C SER F 7 -28.51 -18.06 -5.33
N PRO F 8 -28.72 -18.35 -6.62
CA PRO F 8 -29.56 -19.45 -7.11
C PRO F 8 -28.78 -20.74 -7.20
N ALA F 9 -29.44 -21.85 -7.56
CA ALA F 9 -28.72 -23.10 -7.76
C ALA F 9 -27.81 -23.02 -8.98
N SER F 10 -28.32 -22.45 -10.08
CA SER F 10 -27.53 -22.23 -11.27
C SER F 10 -27.79 -20.82 -11.78
N LEU F 11 -26.83 -20.30 -12.53
CA LEU F 11 -26.90 -18.91 -13.01
C LEU F 11 -26.20 -18.83 -14.35
N ALA F 12 -26.97 -18.56 -15.41
CA ALA F 12 -26.38 -18.27 -16.70
C ALA F 12 -25.99 -16.79 -16.76
N VAL F 13 -24.78 -16.54 -17.25
CA VAL F 13 -24.22 -15.18 -17.26
C VAL F 13 -23.35 -15.03 -18.50
N SER F 14 -23.30 -13.82 -19.02
CA SER F 14 -22.52 -13.51 -20.21
C SER F 14 -21.23 -12.81 -19.82
N LEU F 15 -20.17 -13.07 -20.59
CA LEU F 15 -18.88 -12.45 -20.34
C LEU F 15 -19.01 -10.93 -20.34
N GLY F 16 -18.53 -10.31 -19.26
CA GLY F 16 -18.63 -8.88 -19.06
C GLY F 16 -19.70 -8.48 -18.07
N GLN F 17 -20.82 -9.20 -18.04
CA GLN F 17 -21.89 -8.88 -17.09
C GLN F 17 -21.47 -9.25 -15.67
N ARG F 18 -22.20 -8.72 -14.71
CA ARG F 18 -21.93 -8.97 -13.30
C ARG F 18 -22.89 -10.03 -12.76
N ALA F 19 -22.35 -10.97 -12.00
CA ALA F 19 -23.12 -12.03 -11.38
C ALA F 19 -23.09 -11.86 -9.86
N THR F 20 -24.20 -12.23 -9.22
CA THR F 20 -24.35 -12.08 -7.78
C THR F 20 -24.91 -13.39 -7.22
N ILE F 21 -24.18 -13.98 -6.27
CA ILE F 21 -24.56 -15.22 -5.61
C ILE F 21 -24.80 -14.90 -4.14
N SER F 22 -25.90 -15.43 -3.60
CA SER F 22 -26.30 -15.13 -2.24
C SER F 22 -26.15 -16.37 -1.36
N CYS F 23 -25.83 -16.14 -0.09
CA CYS F 23 -25.75 -17.19 0.91
C CYS F 23 -26.43 -16.71 2.18
N ARG F 24 -27.31 -17.56 2.73
CA ARG F 24 -28.09 -17.21 3.91
C ARG F 24 -27.91 -18.26 4.99
N ALA F 25 -27.53 -17.82 6.18
CA ALA F 25 -27.28 -18.72 7.31
C ALA F 25 -28.51 -18.78 8.21
N SER F 26 -28.76 -19.97 8.76
CA SER F 26 -29.91 -20.17 9.64
C SER F 26 -29.76 -19.42 10.96
N GLU F 27 -28.56 -18.97 11.30
CA GLU F 27 -28.35 -18.10 12.46
C GLU F 27 -27.13 -17.24 12.19
N SER F 28 -26.92 -16.25 13.06
CA SER F 28 -25.85 -15.28 12.82
C SER F 28 -24.49 -15.94 12.99
N VAL F 29 -23.63 -15.75 12.00
CA VAL F 29 -22.27 -16.29 12.02
C VAL F 29 -21.26 -15.24 12.48
N GLU F 30 -21.73 -14.18 13.15
CA GLU F 30 -20.84 -13.14 13.62
C GLU F 30 -20.17 -13.55 14.93
N TYR F 31 -18.97 -13.00 15.16
CA TYR F 31 -18.29 -13.21 16.43
C TYR F 31 -17.31 -12.07 16.65
N SER F 32 -17.56 -11.25 17.67
CA SER F 32 -16.68 -10.15 18.06
C SER F 32 -16.24 -9.31 16.85
N GLY F 33 -17.22 -8.99 16.00
CA GLY F 33 -17.01 -8.03 14.94
C GLY F 33 -16.67 -8.60 13.58
N THR F 34 -16.37 -9.90 13.48
CA THR F 34 -15.99 -10.51 12.21
C THR F 34 -17.02 -11.56 11.81
N SER F 35 -17.36 -11.57 10.51
CA SER F 35 -18.28 -12.54 9.96
C SER F 35 -17.51 -13.79 9.56
N LEU F 36 -17.81 -14.92 10.20
CA LEU F 36 -17.09 -16.16 9.94
C LEU F 36 -17.75 -16.90 8.76
N MET F 37 -17.66 -16.26 7.60
CA MET F 37 -18.23 -16.74 6.35
C MET F 37 -17.19 -16.63 5.25
N HIS F 38 -17.06 -17.68 4.45
CA HIS F 38 -16.04 -17.72 3.41
C HIS F 38 -16.64 -18.21 2.09
N TRP F 39 -15.99 -17.85 1.00
CA TRP F 39 -16.43 -18.18 -0.35
C TRP F 39 -15.34 -18.98 -1.05
N TYR F 40 -15.73 -20.05 -1.75
CA TYR F 40 -14.81 -20.90 -2.47
C TYR F 40 -15.29 -21.08 -3.91
N GLN F 41 -14.33 -21.24 -4.81
CA GLN F 41 -14.60 -21.62 -6.20
C GLN F 41 -14.09 -23.02 -6.45
N GLN F 42 -14.84 -23.81 -7.23
CA GLN F 42 -14.42 -25.16 -7.55
C GLN F 42 -14.63 -25.43 -9.03
N LYS F 43 -13.55 -25.75 -9.73
CA LYS F 43 -13.55 -26.28 -11.08
C LYS F 43 -13.64 -27.79 -11.04
N PRO F 44 -14.09 -28.43 -12.12
CA PRO F 44 -14.23 -29.90 -12.10
C PRO F 44 -12.89 -30.59 -11.91
N GLY F 45 -12.91 -31.67 -11.13
CA GLY F 45 -11.70 -32.43 -10.89
C GLY F 45 -10.67 -31.76 -10.01
N GLN F 46 -11.05 -30.70 -9.32
CA GLN F 46 -10.16 -29.93 -8.47
C GLN F 46 -10.81 -29.69 -7.11
N PRO F 47 -10.02 -29.46 -6.07
CA PRO F 47 -10.59 -29.10 -4.78
C PRO F 47 -11.15 -27.69 -4.82
N PRO F 48 -12.01 -27.32 -3.87
CA PRO F 48 -12.38 -25.92 -3.73
C PRO F 48 -11.15 -25.06 -3.46
N LYS F 49 -11.18 -23.83 -3.98
CA LYS F 49 -10.12 -22.86 -3.79
C LYS F 49 -10.70 -21.60 -3.15
N LEU F 50 -10.03 -21.09 -2.13
CA LEU F 50 -10.58 -19.98 -1.36
C LEU F 50 -10.53 -18.68 -2.15
N LEU F 51 -11.64 -17.94 -2.12
CA LEU F 51 -11.76 -16.64 -2.75
C LEU F 51 -11.87 -15.51 -1.74
N ILE F 52 -12.84 -15.60 -0.83
CA ILE F 52 -13.15 -14.54 0.12
C ILE F 52 -13.20 -15.17 1.51
N TYR F 53 -12.47 -14.57 2.45
CA TYR F 53 -12.55 -14.97 3.85
C TYR F 53 -13.09 -13.81 4.68
N ALA F 54 -13.69 -14.14 5.82
CA ALA F 54 -14.31 -13.16 6.72
C ALA F 54 -15.36 -12.32 5.98
N ALA F 55 -15.93 -12.90 4.91
CA ALA F 55 -17.09 -12.42 4.18
C ALA F 55 -16.82 -11.20 3.30
N SER F 56 -15.66 -10.56 3.44
CA SER F 56 -15.35 -9.43 2.59
C SER F 56 -13.89 -9.36 2.12
N ASN F 57 -12.99 -10.16 2.67
CA ASN F 57 -11.57 -10.01 2.39
C ASN F 57 -11.19 -10.87 1.19
N VAL F 58 -10.68 -10.23 0.14
CA VAL F 58 -10.25 -10.94 -1.06
C VAL F 58 -8.91 -11.61 -0.77
N GLU F 59 -8.86 -12.93 -0.92
CA GLU F 59 -7.63 -13.66 -0.67
C GLU F 59 -6.53 -13.25 -1.64
N SER F 60 -5.29 -13.33 -1.18
CA SER F 60 -4.15 -13.02 -2.03
C SER F 60 -4.19 -13.86 -3.31
N GLY F 61 -3.86 -13.23 -4.42
CA GLY F 61 -3.86 -13.89 -5.71
C GLY F 61 -5.19 -13.92 -6.43
N VAL F 62 -6.28 -13.58 -5.75
CA VAL F 62 -7.62 -13.64 -6.34
C VAL F 62 -7.87 -12.33 -7.08
N PRO F 63 -8.34 -12.37 -8.32
CA PRO F 63 -8.55 -11.13 -9.10
C PRO F 63 -9.49 -10.16 -8.41
N ALA F 64 -9.25 -8.87 -8.66
CA ALA F 64 -10.04 -7.82 -8.02
C ALA F 64 -11.49 -7.80 -8.49
N ARG F 65 -11.80 -8.46 -9.61
CA ARG F 65 -13.18 -8.55 -10.06
C ARG F 65 -14.06 -9.34 -9.10
N PHE F 66 -13.48 -9.96 -8.08
CA PHE F 66 -14.21 -10.66 -7.04
C PHE F 66 -14.37 -9.74 -5.83
N SER F 67 -15.55 -9.77 -5.22
CA SER F 67 -15.83 -9.00 -4.02
C SER F 67 -16.86 -9.74 -3.19
N GLY F 68 -16.83 -9.48 -1.89
CA GLY F 68 -17.76 -10.10 -0.97
C GLY F 68 -18.35 -9.12 0.01
N SER F 69 -19.63 -9.26 0.32
CA SER F 69 -20.31 -8.33 1.21
C SER F 69 -21.34 -9.10 2.03
N GLY F 70 -21.90 -8.40 3.02
CA GLY F 70 -22.87 -8.97 3.93
C GLY F 70 -22.32 -9.08 5.35
N SER F 71 -23.24 -9.38 6.26
CA SER F 71 -22.92 -9.61 7.66
C SER F 71 -24.15 -10.25 8.29
N GLY F 72 -24.02 -10.62 9.56
CA GLY F 72 -25.12 -11.28 10.24
C GLY F 72 -25.43 -12.63 9.64
N THR F 73 -26.54 -12.72 8.91
CA THR F 73 -26.99 -13.97 8.31
C THR F 73 -27.12 -13.92 6.79
N ASP F 74 -26.86 -12.78 6.16
CA ASP F 74 -27.03 -12.63 4.72
C ASP F 74 -25.74 -12.15 4.08
N PHE F 75 -25.27 -12.87 3.08
CA PHE F 75 -23.99 -12.61 2.43
C PHE F 75 -24.12 -12.80 0.93
N SER F 76 -23.29 -12.07 0.18
CA SER F 76 -23.32 -12.15 -1.27
C SER F 76 -21.92 -12.06 -1.84
N LEU F 77 -21.68 -12.79 -2.93
CA LEU F 77 -20.44 -12.75 -3.68
C LEU F 77 -20.72 -12.10 -5.03
N ASN F 78 -19.80 -11.25 -5.48
CA ASN F 78 -20.01 -10.45 -6.68
C ASN F 78 -18.82 -10.59 -7.61
N ILE F 79 -19.07 -11.02 -8.84
CA ILE F 79 -18.07 -11.10 -9.89
C ILE F 79 -18.41 -10.07 -10.96
N HIS F 80 -17.54 -9.08 -11.13
CA HIS F 80 -17.72 -8.08 -12.17
C HIS F 80 -16.38 -7.52 -12.61
N PRO F 81 -16.01 -7.68 -13.89
CA PRO F 81 -16.81 -8.37 -14.90
C PRO F 81 -16.53 -9.88 -14.95
N VAL F 82 -17.58 -10.67 -15.18
CA VAL F 82 -17.40 -12.12 -15.30
C VAL F 82 -16.51 -12.41 -16.50
N GLU F 83 -15.51 -13.27 -16.29
CA GLU F 83 -14.61 -13.70 -17.34
C GLU F 83 -14.78 -15.20 -17.54
N GLU F 84 -14.21 -15.71 -18.64
CA GLU F 84 -14.36 -17.12 -18.98
C GLU F 84 -13.84 -18.01 -17.86
N ASP F 85 -12.69 -17.65 -17.26
CA ASP F 85 -12.10 -18.46 -16.20
C ASP F 85 -12.96 -18.52 -14.94
N ASP F 86 -13.98 -17.67 -14.83
CA ASP F 86 -14.85 -17.66 -13.66
C ASP F 86 -16.01 -18.65 -13.78
N ILE F 87 -16.13 -19.35 -14.90
CA ILE F 87 -17.18 -20.36 -15.07
C ILE F 87 -16.81 -21.57 -14.22
N ALA F 88 -17.49 -21.73 -13.09
CA ALA F 88 -17.16 -22.78 -12.13
C ALA F 88 -18.30 -22.87 -11.11
N MET F 89 -18.09 -23.71 -10.10
CA MET F 89 -19.00 -23.82 -8.97
C MET F 89 -18.53 -22.90 -7.85
N TYR F 90 -19.48 -22.47 -7.02
CA TYR F 90 -19.19 -21.54 -5.93
C TYR F 90 -19.91 -21.98 -4.67
N PHE F 91 -19.19 -22.01 -3.55
CA PHE F 91 -19.73 -22.45 -2.28
C PHE F 91 -19.47 -21.40 -1.20
N CYS F 92 -20.37 -21.31 -0.24
CA CYS F 92 -20.11 -20.59 1.00
C CYS F 92 -19.93 -21.58 2.13
N GLN F 93 -19.33 -21.11 3.23
CA GLN F 93 -18.98 -21.96 4.36
C GLN F 93 -18.84 -21.09 5.59
N GLN F 94 -19.37 -21.57 6.72
CA GLN F 94 -19.32 -20.83 7.97
C GLN F 94 -18.33 -21.46 8.92
N SER F 95 -17.64 -20.61 9.69
CA SER F 95 -16.66 -21.10 10.66
C SER F 95 -17.03 -20.65 12.07
N ARG F 96 -18.31 -20.35 12.28
CA ARG F 96 -18.76 -19.78 13.55
C ARG F 96 -19.04 -20.87 14.58
N LYS F 97 -19.67 -21.97 14.18
CA LYS F 97 -19.99 -23.06 15.09
C LYS F 97 -19.61 -24.39 14.45
N VAL F 98 -19.21 -25.32 15.31
CA VAL F 98 -18.94 -26.69 14.89
C VAL F 98 -20.25 -27.47 15.06
N PRO F 99 -20.63 -28.34 14.10
CA PRO F 99 -19.89 -28.71 12.90
C PRO F 99 -19.87 -27.61 11.84
N TYR F 100 -18.74 -27.47 11.15
CA TYR F 100 -18.67 -26.53 10.04
C TYR F 100 -19.54 -27.03 8.88
N THR F 101 -20.17 -26.09 8.19
CA THR F 101 -21.17 -26.42 7.19
C THR F 101 -20.98 -25.59 5.95
N PHE F 102 -21.36 -26.16 4.81
CA PHE F 102 -21.28 -25.51 3.52
C PHE F 102 -22.66 -25.26 2.96
N GLY F 103 -22.76 -24.27 2.07
CA GLY F 103 -23.95 -24.10 1.27
C GLY F 103 -24.01 -25.13 0.16
N GLY F 104 -25.19 -25.23 -0.45
CA GLY F 104 -25.42 -26.25 -1.45
C GLY F 104 -24.64 -26.05 -2.74
N GLY F 105 -24.13 -24.84 -2.97
CA GLY F 105 -23.38 -24.55 -4.17
C GLY F 105 -24.19 -23.80 -5.21
N THR F 106 -23.48 -23.10 -6.08
CA THR F 106 -24.09 -22.35 -7.17
C THR F 106 -23.25 -22.53 -8.42
N LYS F 107 -23.84 -23.13 -9.45
CA LYS F 107 -23.15 -23.30 -10.72
C LYS F 107 -23.23 -22.02 -11.53
N LEU F 108 -22.07 -21.48 -11.90
CA LEU F 108 -22.00 -20.30 -12.76
C LEU F 108 -21.82 -20.80 -14.19
N GLU F 109 -22.89 -20.75 -14.96
CA GLU F 109 -22.96 -21.29 -16.31
C GLU F 109 -22.74 -20.18 -17.33
N LEU F 110 -22.12 -20.54 -18.46
CA LEU F 110 -21.79 -19.58 -19.50
C LEU F 110 -22.98 -19.44 -20.44
N LYS F 111 -23.63 -18.28 -20.42
CA LYS F 111 -24.81 -18.05 -21.22
C LYS F 111 -24.46 -17.97 -22.70
N ARG F 112 -25.30 -18.58 -23.55
CA ARG F 112 -25.13 -18.55 -24.99
C ARG F 112 -26.51 -18.54 -25.63
N THR F 113 -26.53 -18.48 -26.96
CA THR F 113 -27.80 -18.43 -27.69
C THR F 113 -28.46 -19.80 -27.68
N VAL F 114 -29.80 -19.79 -27.69
CA VAL F 114 -30.58 -21.03 -27.70
C VAL F 114 -30.13 -21.91 -28.85
N ALA F 115 -30.06 -23.21 -28.59
CA ALA F 115 -29.72 -24.20 -29.61
C ALA F 115 -30.59 -25.43 -29.39
N ALA F 116 -31.27 -25.86 -30.45
CA ALA F 116 -32.15 -27.01 -30.33
C ALA F 116 -31.35 -28.30 -30.37
N PRO F 117 -31.81 -29.34 -29.68
CA PRO F 117 -31.10 -30.62 -29.71
C PRO F 117 -31.44 -31.40 -30.97
N SER F 118 -30.40 -31.85 -31.67
CA SER F 118 -30.55 -32.81 -32.76
C SER F 118 -30.75 -34.19 -32.15
N VAL F 119 -31.95 -34.76 -32.32
CA VAL F 119 -32.34 -35.98 -31.62
C VAL F 119 -32.09 -37.18 -32.52
N PHE F 120 -31.57 -38.25 -31.92
CA PHE F 120 -31.37 -39.52 -32.62
C PHE F 120 -31.84 -40.65 -31.70
N ILE F 121 -32.33 -41.72 -32.31
CA ILE F 121 -32.74 -42.91 -31.56
C ILE F 121 -32.01 -44.11 -32.14
N PHE F 122 -31.45 -44.93 -31.25
CA PHE F 122 -30.69 -46.11 -31.64
C PHE F 122 -31.39 -47.37 -31.13
N PRO F 123 -31.66 -48.34 -31.99
CA PRO F 123 -32.28 -49.59 -31.53
C PRO F 123 -31.23 -50.51 -30.93
N PRO F 124 -31.64 -51.45 -30.07
CA PRO F 124 -30.65 -52.37 -29.50
C PRO F 124 -30.05 -53.27 -30.57
N SER F 125 -28.73 -53.41 -30.51
CA SER F 125 -28.03 -54.24 -31.48
C SER F 125 -28.41 -55.71 -31.29
N ASP F 126 -28.21 -56.48 -32.37
CA ASP F 126 -28.49 -57.91 -32.31
C ASP F 126 -27.57 -58.62 -31.33
N GLU F 127 -26.33 -58.15 -31.20
CA GLU F 127 -25.39 -58.74 -30.26
C GLU F 127 -25.93 -58.69 -28.84
N GLN F 128 -26.49 -57.55 -28.44
CA GLN F 128 -27.05 -57.43 -27.09
C GLN F 128 -28.34 -58.23 -26.96
N LEU F 129 -29.12 -58.34 -28.04
CA LEU F 129 -30.35 -59.13 -27.95
C LEU F 129 -30.05 -60.59 -27.70
N LYS F 130 -28.92 -61.08 -28.21
CA LYS F 130 -28.47 -62.43 -27.87
C LYS F 130 -28.14 -62.53 -26.38
N SER F 131 -27.68 -61.43 -25.77
CA SER F 131 -27.34 -61.45 -24.34
C SER F 131 -28.57 -61.75 -23.49
N GLY F 132 -29.71 -61.18 -23.86
CA GLY F 132 -30.95 -61.38 -23.12
C GLY F 132 -31.59 -60.12 -22.62
N THR F 133 -30.98 -58.96 -22.85
CA THR F 133 -31.55 -57.67 -22.48
C THR F 133 -31.51 -56.73 -23.67
N ALA F 134 -32.29 -55.66 -23.57
CA ALA F 134 -32.48 -54.70 -24.65
C ALA F 134 -32.30 -53.29 -24.12
N SER F 135 -31.35 -52.56 -24.70
CA SER F 135 -31.07 -51.19 -24.31
C SER F 135 -31.25 -50.31 -25.55
N VAL F 136 -32.23 -49.42 -25.51
CA VAL F 136 -32.45 -48.47 -26.60
C VAL F 136 -31.97 -47.10 -26.14
N VAL F 137 -31.24 -46.42 -27.02
CA VAL F 137 -30.49 -45.21 -26.68
C VAL F 137 -31.07 -44.04 -27.46
N CYS F 138 -31.32 -42.94 -26.76
CA CYS F 138 -31.78 -41.70 -27.37
C CYS F 138 -30.79 -40.59 -27.04
N LEU F 139 -30.32 -39.90 -28.07
CA LEU F 139 -29.29 -38.89 -27.95
C LEU F 139 -29.85 -37.50 -28.25
N LEU F 140 -29.45 -36.52 -27.45
CA LEU F 140 -29.79 -35.11 -27.66
C LEU F 140 -28.48 -34.36 -27.81
N ASN F 141 -28.11 -34.01 -29.03
CA ASN F 141 -26.77 -33.49 -29.31
C ASN F 141 -26.78 -31.97 -29.33
N ASN F 142 -25.91 -31.37 -28.50
CA ASN F 142 -25.50 -29.98 -28.63
C ASN F 142 -26.68 -29.01 -28.56
N PHE F 143 -27.31 -28.96 -27.38
CA PHE F 143 -28.42 -28.04 -27.14
C PHE F 143 -28.08 -27.07 -26.02
N TYR F 144 -28.89 -26.01 -25.92
CA TYR F 144 -28.80 -25.02 -24.85
C TYR F 144 -30.13 -24.28 -24.80
N PRO F 145 -30.67 -23.98 -23.60
CA PRO F 145 -30.14 -24.25 -22.26
C PRO F 145 -30.23 -25.72 -21.86
N ARG F 146 -30.00 -26.01 -20.57
CA ARG F 146 -29.95 -27.39 -20.12
C ARG F 146 -31.34 -28.00 -19.95
N GLU F 147 -32.35 -27.19 -19.64
CA GLU F 147 -33.69 -27.72 -19.39
C GLU F 147 -34.21 -28.48 -20.60
N ALA F 148 -34.41 -29.78 -20.42
CA ALA F 148 -34.90 -30.64 -21.49
C ALA F 148 -35.64 -31.81 -20.86
N LYS F 149 -36.68 -32.27 -21.56
CA LYS F 149 -37.48 -33.39 -21.10
C LYS F 149 -37.42 -34.51 -22.14
N VAL F 150 -37.22 -35.73 -21.66
CA VAL F 150 -37.21 -36.92 -22.50
C VAL F 150 -38.25 -37.89 -21.96
N GLN F 151 -39.18 -38.30 -22.83
CA GLN F 151 -40.22 -39.25 -22.47
C GLN F 151 -40.16 -40.42 -23.44
N TRP F 152 -39.92 -41.62 -22.92
CA TRP F 152 -39.96 -42.83 -23.73
C TRP F 152 -41.40 -43.29 -23.88
N LYS F 153 -41.72 -43.82 -25.06
CA LYS F 153 -43.04 -44.34 -25.34
C LYS F 153 -42.93 -45.65 -26.11
N VAL F 154 -43.59 -46.68 -25.59
CA VAL F 154 -43.58 -48.01 -26.18
C VAL F 154 -44.99 -48.34 -26.64
N ASP F 155 -45.19 -48.42 -27.96
CA ASP F 155 -46.52 -48.56 -28.55
C ASP F 155 -47.47 -47.51 -27.99
N ASN F 156 -46.96 -46.29 -27.84
CA ASN F 156 -47.61 -45.12 -27.25
C ASN F 156 -47.67 -45.21 -25.72
N ALA F 157 -47.27 -46.32 -25.11
CA ALA F 157 -47.32 -46.43 -23.66
C ALA F 157 -46.17 -45.65 -23.05
N LEU F 158 -46.49 -44.61 -22.29
CA LEU F 158 -45.48 -43.79 -21.64
C LEU F 158 -44.73 -44.60 -20.58
N GLN F 159 -43.40 -44.59 -20.66
CA GLN F 159 -42.59 -45.37 -19.73
C GLN F 159 -42.33 -44.61 -18.45
N SER F 160 -41.82 -45.32 -17.45
CA SER F 160 -41.50 -44.75 -16.15
C SER F 160 -40.59 -45.71 -15.42
N GLY F 161 -39.57 -45.17 -14.74
CA GLY F 161 -38.71 -45.94 -13.89
C GLY F 161 -37.81 -46.95 -14.57
N ASN F 162 -37.84 -47.05 -15.91
CA ASN F 162 -37.00 -47.98 -16.63
C ASN F 162 -36.07 -47.28 -17.61
N SER F 163 -35.72 -46.02 -17.30
CA SER F 163 -34.80 -45.25 -18.12
C SER F 163 -33.86 -44.47 -17.22
N GLN F 164 -32.68 -44.14 -17.76
CA GLN F 164 -31.70 -43.36 -17.02
C GLN F 164 -31.07 -42.33 -17.95
N GLU F 165 -30.90 -41.12 -17.45
CA GLU F 165 -30.30 -40.02 -18.19
C GLU F 165 -28.86 -39.79 -17.74
N SER F 166 -28.14 -39.01 -18.54
CA SER F 166 -26.80 -38.53 -18.21
C SER F 166 -26.46 -37.43 -19.19
N VAL F 167 -25.84 -36.36 -18.69
CA VAL F 167 -25.58 -35.16 -19.47
C VAL F 167 -24.11 -34.75 -19.31
N THR F 168 -23.52 -34.28 -20.40
CA THR F 168 -22.17 -33.76 -20.40
C THR F 168 -22.13 -32.37 -19.77
N GLU F 169 -20.92 -31.93 -19.40
CA GLU F 169 -20.73 -30.56 -18.99
C GLU F 169 -20.79 -29.63 -20.20
N GLN F 170 -20.92 -28.33 -19.93
CA GLN F 170 -20.97 -27.34 -21.00
C GLN F 170 -19.72 -27.45 -21.88
N ASP F 171 -19.94 -27.62 -23.19
CA ASP F 171 -18.84 -27.88 -24.10
C ASP F 171 -17.88 -26.69 -24.15
N SER F 172 -16.58 -27.00 -24.28
CA SER F 172 -15.57 -25.95 -24.19
C SER F 172 -15.62 -25.00 -25.37
N LYS F 173 -16.10 -25.45 -26.52
CA LYS F 173 -16.12 -24.62 -27.72
C LYS F 173 -17.43 -23.86 -27.88
N ASP F 174 -18.53 -24.59 -28.02
CA ASP F 174 -19.83 -23.99 -28.31
C ASP F 174 -20.72 -23.85 -27.09
N SER F 175 -20.27 -24.32 -25.91
CA SER F 175 -21.00 -24.15 -24.66
C SER F 175 -22.37 -24.81 -24.69
N THR F 176 -22.53 -25.88 -25.47
CA THR F 176 -23.77 -26.64 -25.49
C THR F 176 -23.66 -27.87 -24.61
N TYR F 177 -24.82 -28.38 -24.20
CA TYR F 177 -24.91 -29.64 -23.50
C TYR F 177 -25.28 -30.76 -24.45
N SER F 178 -25.07 -31.99 -24.01
CA SER F 178 -25.54 -33.16 -24.73
C SER F 178 -26.03 -34.18 -23.71
N LEU F 179 -27.10 -34.89 -24.08
CA LEU F 179 -27.79 -35.77 -23.15
C LEU F 179 -27.98 -37.14 -23.77
N SER F 180 -27.94 -38.16 -22.93
CA SER F 180 -28.13 -39.54 -23.36
C SER F 180 -29.09 -40.22 -22.41
N SER F 181 -30.28 -40.57 -22.90
CA SER F 181 -31.22 -41.41 -22.18
C SER F 181 -31.09 -42.84 -22.67
N THR F 182 -31.22 -43.79 -21.75
CA THR F 182 -31.17 -45.21 -22.09
C THR F 182 -32.35 -45.92 -21.45
N LEU F 183 -33.23 -46.46 -22.29
CA LEU F 183 -34.34 -47.29 -21.84
C LEU F 183 -33.91 -48.74 -21.90
N THR F 184 -34.02 -49.43 -20.77
CA THR F 184 -33.56 -50.80 -20.62
C THR F 184 -34.76 -51.71 -20.36
N LEU F 185 -34.96 -52.69 -21.23
CA LEU F 185 -36.03 -53.66 -21.10
C LEU F 185 -35.48 -55.06 -21.24
N SER F 186 -36.21 -56.03 -20.67
CA SER F 186 -35.94 -57.42 -20.97
C SER F 186 -36.11 -57.65 -22.46
N LYS F 187 -35.24 -58.49 -23.03
CA LYS F 187 -35.42 -58.88 -24.42
C LYS F 187 -36.78 -59.53 -24.64
N ALA F 188 -37.33 -60.16 -23.59
CA ALA F 188 -38.66 -60.75 -23.69
C ALA F 188 -39.73 -59.68 -23.90
N ASP F 189 -39.69 -58.60 -23.12
CA ASP F 189 -40.63 -57.51 -23.30
C ASP F 189 -40.28 -56.63 -24.50
N TYR F 190 -39.06 -56.71 -25.02
CA TYR F 190 -38.71 -55.98 -26.23
C TYR F 190 -39.34 -56.61 -27.45
N GLU F 191 -39.19 -57.93 -27.61
CA GLU F 191 -39.84 -58.66 -28.69
C GLU F 191 -41.37 -58.59 -28.59
N LYS F 192 -41.90 -58.10 -27.47
CA LYS F 192 -43.34 -58.02 -27.24
C LYS F 192 -43.99 -56.83 -27.95
N HIS F 193 -43.24 -55.78 -28.22
CA HIS F 193 -43.79 -54.54 -28.77
C HIS F 193 -43.15 -54.21 -30.11
N LYS F 194 -43.69 -53.19 -30.77
CA LYS F 194 -43.33 -52.90 -32.16
C LYS F 194 -42.62 -51.58 -32.35
N VAL F 195 -43.20 -50.47 -31.88
CA VAL F 195 -42.67 -49.14 -32.16
C VAL F 195 -42.11 -48.55 -30.86
N TYR F 196 -40.87 -48.08 -30.94
CA TYR F 196 -40.17 -47.48 -29.80
C TYR F 196 -39.82 -46.05 -30.12
N ALA F 197 -40.35 -45.11 -29.33
CA ALA F 197 -40.26 -43.69 -29.63
C ALA F 197 -39.63 -42.93 -28.49
N CYS F 198 -38.81 -41.93 -28.84
CA CYS F 198 -38.20 -41.02 -27.88
C CYS F 198 -38.67 -39.61 -28.22
N GLU F 199 -39.35 -38.98 -27.27
CA GLU F 199 -39.91 -37.65 -27.45
C GLU F 199 -39.13 -36.64 -26.62
N VAL F 200 -38.66 -35.57 -27.26
CA VAL F 200 -37.79 -34.59 -26.64
C VAL F 200 -38.51 -33.24 -26.62
N THR F 201 -38.56 -32.62 -25.44
CA THR F 201 -39.13 -31.29 -25.26
C THR F 201 -38.01 -30.33 -24.90
N HIS F 202 -37.84 -29.28 -25.70
CA HIS F 202 -36.78 -28.31 -25.43
C HIS F 202 -37.26 -26.92 -25.82
N GLN F 203 -36.66 -25.92 -25.17
CA GLN F 203 -37.00 -24.52 -25.43
C GLN F 203 -36.68 -24.10 -26.86
N GLY F 204 -35.74 -24.78 -27.51
CA GLY F 204 -35.39 -24.49 -28.88
C GLY F 204 -36.24 -25.19 -29.92
N LEU F 205 -37.34 -25.83 -29.51
CA LEU F 205 -38.25 -26.50 -30.42
C LEU F 205 -39.64 -25.90 -30.27
N SER F 206 -40.31 -25.66 -31.41
CA SER F 206 -41.67 -25.14 -31.38
C SER F 206 -42.64 -26.12 -30.75
N SER F 207 -42.32 -27.41 -30.77
CA SER F 207 -43.14 -28.47 -30.20
C SER F 207 -42.26 -29.69 -30.01
N PRO F 208 -42.60 -30.58 -29.08
CA PRO F 208 -41.76 -31.76 -28.84
C PRO F 208 -41.49 -32.55 -30.11
N VAL F 209 -40.24 -32.99 -30.26
CA VAL F 209 -39.80 -33.78 -31.40
C VAL F 209 -39.74 -35.25 -30.99
N THR F 210 -40.25 -36.12 -31.85
CA THR F 210 -40.21 -37.55 -31.61
C THR F 210 -39.39 -38.23 -32.71
N LYS F 211 -38.53 -39.15 -32.31
CA LYS F 211 -37.76 -39.97 -33.23
C LYS F 211 -37.93 -41.42 -32.81
N SER F 212 -38.43 -42.25 -33.73
CA SER F 212 -38.91 -43.58 -33.41
C SER F 212 -38.27 -44.59 -34.35
N PHE F 213 -38.62 -45.86 -34.13
CA PHE F 213 -38.27 -46.93 -35.06
C PHE F 213 -39.24 -48.07 -34.84
N ASN F 214 -39.23 -49.01 -35.79
CA ASN F 214 -40.04 -50.20 -35.72
C ASN F 214 -39.13 -51.41 -35.52
N ARG F 215 -39.55 -52.33 -34.67
CA ARG F 215 -38.76 -53.52 -34.40
C ARG F 215 -38.54 -54.30 -35.69
N GLY F 216 -37.28 -54.40 -36.10
CA GLY F 216 -36.96 -54.96 -37.40
C GLY F 216 -36.36 -53.95 -38.34
N GLU F 217 -37.16 -53.53 -39.32
CA GLU F 217 -36.83 -52.53 -40.36
C GLU F 217 -35.55 -51.73 -40.14
#